data_2JOT
#
_entry.id   2JOT
#
_cell.length_a   1.000
_cell.length_b   1.000
_cell.length_c   1.000
_cell.angle_alpha   90.00
_cell.angle_beta   90.00
_cell.angle_gamma   90.00
#
_symmetry.space_group_name_H-M   'P 1'
#
_entity_poly.entity_id   1
_entity_poly.type   'polypeptide(L)'
_entity_poly.pdbx_seq_one_letter_code
;IDTCRLPSDRGRCKASFERWYFNGRTCAKFIYGGCGGNGNKFPTQEACMKRCAKA
;
_entity_poly.pdbx_strand_id   A
#
# COMPACT_ATOMS: atom_id res chain seq x y z
N ILE A 1 10.71 11.34 0.30
CA ILE A 1 9.66 10.30 0.38
C ILE A 1 10.26 8.93 0.67
N ASP A 2 10.38 8.59 1.96
CA ASP A 2 10.95 7.31 2.37
C ASP A 2 9.85 6.32 2.79
N THR A 3 8.60 6.77 2.73
CA THR A 3 7.48 5.91 3.09
C THR A 3 7.11 4.95 1.97
N CYS A 4 7.34 5.38 0.73
CA CYS A 4 7.05 4.56 -0.44
C CYS A 4 8.04 3.42 -0.58
N ARG A 5 9.08 3.42 0.25
CA ARG A 5 10.10 2.37 0.19
C ARG A 5 9.75 1.21 1.11
N LEU A 6 9.00 1.50 2.17
CA LEU A 6 8.59 0.47 3.12
C LEU A 6 7.77 -0.62 2.43
N PRO A 7 8.11 -1.92 2.66
CA PRO A 7 7.41 -3.03 2.05
C PRO A 7 6.11 -3.37 2.80
N SER A 8 4.98 -3.12 2.16
CA SER A 8 3.68 -3.41 2.76
C SER A 8 3.33 -4.89 2.62
N ASP A 9 2.92 -5.50 3.73
CA ASP A 9 2.56 -6.92 3.73
C ASP A 9 1.08 -7.09 3.41
N ARG A 10 0.74 -8.22 2.80
CA ARG A 10 -0.64 -8.52 2.43
C ARG A 10 -1.38 -9.22 3.56
N GLY A 11 -0.64 -9.67 4.58
CA GLY A 11 -1.26 -10.36 5.70
C GLY A 11 -2.38 -11.30 5.30
N ARG A 12 -2.02 -12.53 4.95
CA ARG A 12 -3.02 -13.52 4.54
C ARG A 12 -4.12 -13.62 5.58
N CYS A 13 -3.80 -14.19 6.75
CA CYS A 13 -4.76 -14.33 7.83
C CYS A 13 -6.13 -14.76 7.31
N LYS A 14 -7.19 -14.44 8.05
CA LYS A 14 -8.54 -14.80 7.63
C LYS A 14 -9.20 -13.68 6.84
N ALA A 15 -8.40 -12.73 6.37
CA ALA A 15 -8.92 -11.61 5.59
C ALA A 15 -8.47 -11.69 4.14
N SER A 16 -9.05 -10.84 3.30
CA SER A 16 -8.72 -10.82 1.88
C SER A 16 -9.34 -9.60 1.20
N PHE A 17 -8.79 -8.42 1.47
CA PHE A 17 -9.29 -7.18 0.88
C PHE A 17 -8.23 -6.54 -0.01
N GLU A 18 -8.66 -6.11 -1.20
CA GLU A 18 -7.75 -5.47 -2.14
C GLU A 18 -7.45 -4.03 -1.74
N ARG A 19 -6.16 -3.70 -1.66
CA ARG A 19 -5.73 -2.36 -1.29
C ARG A 19 -4.59 -1.89 -2.17
N TRP A 20 -4.20 -0.61 -2.00
CA TRP A 20 -3.12 -0.03 -2.79
C TRP A 20 -1.88 0.23 -1.93
N TYR A 21 -0.71 0.17 -2.57
CA TYR A 21 0.55 0.40 -1.89
C TYR A 21 1.57 1.02 -2.85
N PHE A 22 2.60 1.65 -2.30
CA PHE A 22 3.63 2.27 -3.13
C PHE A 22 4.67 1.25 -3.56
N ASN A 23 5.10 1.34 -4.82
CA ASN A 23 6.10 0.42 -5.37
C ASN A 23 7.26 1.20 -5.98
N GLY A 24 8.11 1.76 -5.13
CA GLY A 24 9.23 2.53 -5.61
C GLY A 24 8.84 3.93 -6.04
N ARG A 25 7.96 4.01 -7.04
CA ARG A 25 7.49 5.29 -7.54
C ARG A 25 6.01 5.22 -7.92
N THR A 26 5.59 4.07 -8.44
CA THR A 26 4.20 3.87 -8.84
C THR A 26 3.43 3.10 -7.78
N CYS A 27 2.12 2.97 -7.98
CA CYS A 27 1.26 2.25 -7.04
C CYS A 27 1.16 0.78 -7.42
N ALA A 28 0.49 0.01 -6.57
CA ALA A 28 0.32 -1.42 -6.80
C ALA A 28 -0.98 -1.92 -6.17
N LYS A 29 -1.30 -3.20 -6.37
CA LYS A 29 -2.53 -3.77 -5.82
C LYS A 29 -2.36 -5.24 -5.47
N PHE A 30 -2.95 -5.63 -4.33
CA PHE A 30 -2.88 -7.01 -3.87
C PHE A 30 -3.95 -7.28 -2.82
N ILE A 31 -4.05 -8.53 -2.36
CA ILE A 31 -5.04 -8.88 -1.36
C ILE A 31 -4.48 -8.69 0.04
N TYR A 32 -4.74 -7.52 0.62
CA TYR A 32 -4.25 -7.19 1.96
C TYR A 32 -5.27 -7.56 3.03
N GLY A 33 -5.09 -8.73 3.65
CA GLY A 33 -5.99 -9.15 4.69
C GLY A 33 -6.01 -8.18 5.85
N GLY A 34 -4.96 -7.37 5.96
CA GLY A 34 -4.88 -6.40 7.03
C GLY A 34 -3.76 -6.70 8.01
N CYS A 35 -2.93 -7.69 7.69
CA CYS A 35 -1.82 -8.07 8.57
C CYS A 35 -0.48 -7.69 7.95
N GLY A 36 0.14 -6.64 8.48
CA GLY A 36 1.43 -6.19 7.97
C GLY A 36 1.32 -4.89 7.19
N GLY A 37 1.42 -3.78 7.91
CA GLY A 37 1.33 -2.48 7.27
C GLY A 37 1.84 -1.35 8.16
N ASN A 38 2.52 -0.39 7.55
CA ASN A 38 3.07 0.75 8.30
C ASN A 38 2.73 2.07 7.60
N GLY A 39 3.55 2.45 6.62
CA GLY A 39 3.31 3.70 5.91
C GLY A 39 3.20 3.49 4.41
N ASN A 40 3.49 2.27 3.96
CA ASN A 40 3.42 1.95 2.53
C ASN A 40 2.02 1.46 2.14
N LYS A 41 1.28 0.98 3.14
CA LYS A 41 -0.07 0.48 2.93
C LYS A 41 -1.06 1.63 2.75
N PHE A 42 -2.17 1.34 2.06
CA PHE A 42 -3.21 2.35 1.82
C PHE A 42 -4.46 1.70 1.22
N PRO A 43 -5.65 2.11 1.68
CA PRO A 43 -6.92 1.56 1.20
C PRO A 43 -7.19 1.89 -0.26
N THR A 44 -7.16 3.18 -0.60
CA THR A 44 -7.42 3.62 -1.96
C THR A 44 -6.16 4.15 -2.64
N GLN A 45 -6.14 4.11 -3.97
CA GLN A 45 -5.00 4.58 -4.75
C GLN A 45 -4.90 6.10 -4.67
N GLU A 46 -6.03 6.76 -4.42
CA GLU A 46 -6.06 8.22 -4.33
C GLU A 46 -5.02 8.72 -3.33
N ALA A 47 -4.82 7.96 -2.26
CA ALA A 47 -3.85 8.32 -1.25
C ALA A 47 -2.44 7.90 -1.67
N CYS A 48 -2.36 6.78 -2.37
CA CYS A 48 -1.09 6.25 -2.85
C CYS A 48 -0.47 7.19 -3.88
N MET A 49 -1.31 7.81 -4.70
CA MET A 49 -0.85 8.73 -5.73
C MET A 49 -0.59 10.11 -5.15
N LYS A 50 -1.37 10.49 -4.15
CA LYS A 50 -1.21 11.80 -3.50
C LYS A 50 -0.02 11.82 -2.56
N ARG A 51 0.49 10.64 -2.21
CA ARG A 51 1.61 10.55 -1.29
C ARG A 51 2.94 10.43 -2.03
N CYS A 52 2.92 9.82 -3.21
CA CYS A 52 4.15 9.64 -3.99
C CYS A 52 4.02 10.25 -5.39
N ALA A 53 2.82 10.26 -5.93
CA ALA A 53 2.60 10.81 -7.27
C ALA A 53 2.35 12.31 -7.23
N LYS A 54 1.88 12.80 -6.09
CA LYS A 54 1.60 14.22 -5.92
C LYS A 54 2.69 14.89 -5.09
N ALA A 55 3.28 14.14 -4.18
CA ALA A 55 4.34 14.67 -3.32
C ALA A 55 5.69 14.62 -4.02
N ILE A 1 13.66 8.23 0.64
CA ILE A 1 13.70 6.88 1.27
C ILE A 1 12.89 6.85 2.56
N ASP A 2 11.59 7.09 2.44
CA ASP A 2 10.71 7.10 3.61
C ASP A 2 9.77 5.88 3.59
N THR A 3 8.46 6.13 3.58
CA THR A 3 7.47 5.06 3.57
C THR A 3 7.09 4.67 2.15
N CYS A 4 7.07 5.66 1.26
CA CYS A 4 6.69 5.42 -0.13
C CYS A 4 7.67 4.48 -0.84
N ARG A 5 8.82 4.24 -0.24
CA ARG A 5 9.82 3.36 -0.85
C ARG A 5 9.73 1.94 -0.30
N LEU A 6 9.32 1.82 0.96
CA LEU A 6 9.20 0.50 1.60
C LEU A 6 7.88 -0.16 1.22
N PRO A 7 7.94 -1.31 0.51
CA PRO A 7 6.73 -2.04 0.09
C PRO A 7 5.91 -2.53 1.28
N SER A 8 4.62 -2.75 1.04
CA SER A 8 3.71 -3.22 2.08
C SER A 8 3.29 -4.66 1.83
N ASP A 9 3.22 -5.46 2.90
CA ASP A 9 2.82 -6.86 2.79
C ASP A 9 1.36 -7.04 3.18
N ARG A 10 0.66 -7.90 2.46
CA ARG A 10 -0.75 -8.17 2.73
C ARG A 10 -0.94 -9.32 3.73
N GLY A 11 0.17 -9.90 4.18
CA GLY A 11 0.10 -11.01 5.11
C GLY A 11 -0.93 -12.06 4.71
N ARG A 12 -1.09 -13.08 5.56
CA ARG A 12 -2.04 -14.15 5.27
C ARG A 12 -3.23 -14.10 6.23
N CYS A 13 -3.08 -13.34 7.32
CA CYS A 13 -4.14 -13.22 8.32
C CYS A 13 -5.54 -13.19 7.70
N LYS A 14 -6.05 -12.01 7.39
CA LYS A 14 -7.38 -11.89 6.79
C LYS A 14 -7.29 -11.44 5.33
N ALA A 15 -6.38 -12.05 4.57
CA ALA A 15 -6.21 -11.72 3.17
C ALA A 15 -7.51 -11.86 2.40
N SER A 16 -8.23 -10.76 2.24
CA SER A 16 -9.50 -10.77 1.53
C SER A 16 -10.02 -9.36 1.27
N PHE A 17 -9.10 -8.40 1.15
CA PHE A 17 -9.48 -7.01 0.91
C PHE A 17 -8.46 -6.34 -0.01
N GLU A 18 -8.88 -6.01 -1.22
CA GLU A 18 -8.00 -5.38 -2.20
C GLU A 18 -7.65 -3.95 -1.79
N ARG A 19 -6.36 -3.64 -1.85
CA ARG A 19 -5.88 -2.30 -1.49
C ARG A 19 -4.75 -1.86 -2.42
N TRP A 20 -4.29 -0.63 -2.26
CA TRP A 20 -3.23 -0.08 -3.09
C TRP A 20 -1.98 0.20 -2.27
N TYR A 21 -0.82 0.10 -2.92
CA TYR A 21 0.46 0.34 -2.26
C TYR A 21 1.36 1.17 -3.17
N PHE A 22 2.33 1.84 -2.57
CA PHE A 22 3.26 2.67 -3.33
C PHE A 22 4.48 1.90 -3.78
N ASN A 23 4.45 1.41 -5.01
CA ASN A 23 5.58 0.65 -5.55
C ASN A 23 6.74 1.58 -5.89
N GLY A 24 7.89 0.98 -6.21
CA GLY A 24 9.06 1.78 -6.53
C GLY A 24 8.91 2.60 -7.80
N ARG A 25 7.86 2.33 -8.58
CA ARG A 25 7.66 3.06 -9.84
C ARG A 25 6.18 3.40 -10.08
N THR A 26 5.29 3.02 -9.17
CA THR A 26 3.86 3.31 -9.34
C THR A 26 3.03 2.66 -8.24
N CYS A 27 1.74 2.95 -8.25
CA CYS A 27 0.81 2.39 -7.26
C CYS A 27 0.24 1.06 -7.75
N ALA A 28 0.68 -0.03 -7.13
CA ALA A 28 0.21 -1.36 -7.48
C ALA A 28 -1.03 -1.76 -6.69
N LYS A 29 -1.57 -2.94 -6.97
CA LYS A 29 -2.77 -3.43 -6.32
C LYS A 29 -2.67 -4.91 -5.96
N PHE A 30 -3.24 -5.26 -4.81
CA PHE A 30 -3.22 -6.64 -4.32
C PHE A 30 -4.27 -6.84 -3.23
N ILE A 31 -4.40 -8.08 -2.74
CA ILE A 31 -5.37 -8.36 -1.70
C ILE A 31 -4.72 -8.18 -0.33
N TYR A 32 -5.08 -7.09 0.33
CA TYR A 32 -4.52 -6.78 1.65
C TYR A 32 -5.36 -7.39 2.76
N GLY A 33 -4.73 -8.19 3.59
CA GLY A 33 -5.41 -8.83 4.70
C GLY A 33 -5.39 -7.97 5.95
N GLY A 34 -4.30 -7.23 6.14
CA GLY A 34 -4.18 -6.37 7.30
C GLY A 34 -2.81 -6.46 7.96
N CYS A 35 -2.16 -7.60 7.81
CA CYS A 35 -0.83 -7.80 8.39
C CYS A 35 0.26 -7.87 7.32
N GLY A 36 1.39 -7.24 7.60
CA GLY A 36 2.49 -7.23 6.66
C GLY A 36 2.86 -5.82 6.22
N GLY A 37 1.87 -4.95 6.13
CA GLY A 37 2.11 -3.58 5.72
C GLY A 37 2.47 -2.68 6.88
N ASN A 38 2.31 -1.38 6.68
CA ASN A 38 2.62 -0.40 7.71
C ASN A 38 2.13 1.00 7.31
N GLY A 39 2.88 1.65 6.42
CA GLY A 39 2.52 2.97 5.96
C GLY A 39 2.50 3.08 4.45
N ASN A 40 2.87 1.99 3.77
CA ASN A 40 2.90 1.97 2.30
C ASN A 40 1.55 1.52 1.74
N LYS A 41 0.77 0.82 2.57
CA LYS A 41 -0.54 0.32 2.15
C LYS A 41 -1.56 1.45 2.15
N PHE A 42 -2.56 1.33 1.28
CA PHE A 42 -3.62 2.34 1.17
C PHE A 42 -4.90 1.71 0.61
N PRO A 43 -6.07 2.18 1.06
CA PRO A 43 -7.36 1.66 0.60
C PRO A 43 -7.57 1.86 -0.90
N THR A 44 -7.31 3.08 -1.38
CA THR A 44 -7.48 3.40 -2.79
C THR A 44 -6.22 4.01 -3.36
N GLN A 45 -6.12 4.00 -4.70
CA GLN A 45 -4.96 4.56 -5.39
C GLN A 45 -4.93 6.08 -5.25
N GLU A 46 -6.11 6.67 -5.16
CA GLU A 46 -6.23 8.13 -5.03
C GLU A 46 -5.60 8.61 -3.73
N ALA A 47 -5.38 7.69 -2.79
CA ALA A 47 -4.79 8.03 -1.50
C ALA A 47 -3.27 7.92 -1.55
N CYS A 48 -2.77 6.94 -2.29
CA CYS A 48 -1.33 6.72 -2.41
C CYS A 48 -0.66 7.83 -3.23
N MET A 49 -1.41 8.37 -4.20
CA MET A 49 -0.88 9.42 -5.06
C MET A 49 -1.13 10.81 -4.46
N LYS A 50 -2.26 10.94 -3.77
CA LYS A 50 -2.62 12.23 -3.15
C LYS A 50 -1.73 12.55 -1.96
N ARG A 51 -1.03 11.54 -1.45
CA ARG A 51 -0.15 11.74 -0.30
C ARG A 51 1.32 11.78 -0.71
N CYS A 52 1.66 11.04 -1.77
CA CYS A 52 3.03 10.99 -2.25
C CYS A 52 3.22 11.85 -3.50
N ALA A 53 2.22 11.85 -4.38
CA ALA A 53 2.30 12.62 -5.62
C ALA A 53 1.86 14.06 -5.39
N LYS A 54 0.97 14.26 -4.43
CA LYS A 54 0.47 15.60 -4.12
C LYS A 54 1.39 16.31 -3.13
N ALA A 55 1.54 15.73 -1.95
CA ALA A 55 2.40 16.31 -0.92
C ALA A 55 3.82 15.77 -1.02
N ILE A 1 9.43 11.14 -0.40
CA ILE A 1 8.63 9.89 -0.41
C ILE A 1 9.47 8.69 0.02
N ASP A 2 9.64 8.53 1.32
CA ASP A 2 10.42 7.42 1.86
C ASP A 2 9.53 6.21 2.11
N THR A 3 8.31 6.46 2.58
CA THR A 3 7.37 5.39 2.87
C THR A 3 7.13 4.52 1.63
N CYS A 4 7.32 5.11 0.46
CA CYS A 4 7.14 4.38 -0.79
C CYS A 4 8.26 3.38 -1.03
N ARG A 5 9.30 3.43 -0.21
CA ARG A 5 10.43 2.52 -0.34
C ARG A 5 10.26 1.27 0.52
N LEU A 6 9.34 1.33 1.48
CA LEU A 6 9.09 0.19 2.36
C LEU A 6 7.72 -0.43 2.08
N PRO A 7 7.61 -1.27 1.03
CA PRO A 7 6.34 -1.92 0.66
C PRO A 7 5.61 -2.51 1.86
N SER A 8 4.29 -2.52 1.80
CA SER A 8 3.47 -3.05 2.88
C SER A 8 3.09 -4.51 2.61
N ASP A 9 2.81 -5.24 3.68
CA ASP A 9 2.43 -6.65 3.57
C ASP A 9 0.91 -6.80 3.43
N ARG A 10 0.50 -7.77 2.62
CA ARG A 10 -0.92 -8.03 2.39
C ARG A 10 -1.49 -9.04 3.40
N GLY A 11 -0.64 -9.53 4.31
CA GLY A 11 -1.09 -10.48 5.32
C GLY A 11 -2.26 -11.33 4.88
N ARG A 12 -1.99 -12.44 4.20
CA ARG A 12 -3.04 -13.33 3.74
C ARG A 12 -4.03 -13.64 4.87
N CYS A 13 -3.57 -14.37 5.88
CA CYS A 13 -4.40 -14.72 7.02
C CYS A 13 -5.79 -15.17 6.58
N LYS A 14 -6.77 -15.12 7.48
CA LYS A 14 -8.14 -15.51 7.17
C LYS A 14 -8.93 -14.35 6.58
N ALA A 15 -8.26 -13.26 6.25
CA ALA A 15 -8.92 -12.10 5.68
C ALA A 15 -8.55 -11.92 4.20
N SER A 16 -9.29 -11.05 3.51
CA SER A 16 -9.03 -10.80 2.10
C SER A 16 -9.69 -9.50 1.65
N PHE A 17 -8.91 -8.42 1.61
CA PHE A 17 -9.42 -7.12 1.20
C PHE A 17 -8.45 -6.44 0.24
N GLU A 18 -8.94 -6.10 -0.95
CA GLU A 18 -8.12 -5.45 -1.95
C GLU A 18 -7.77 -4.03 -1.53
N ARG A 19 -6.49 -3.70 -1.53
CA ARG A 19 -6.03 -2.38 -1.13
C ARG A 19 -4.90 -1.89 -2.03
N TRP A 20 -4.48 -0.64 -1.82
CA TRP A 20 -3.41 -0.05 -2.61
C TRP A 20 -2.17 0.21 -1.77
N TYR A 21 -1.01 0.19 -2.41
CA TYR A 21 0.27 0.42 -1.73
C TYR A 21 1.28 1.00 -2.70
N PHE A 22 2.37 1.56 -2.16
CA PHE A 22 3.41 2.16 -2.99
C PHE A 22 4.30 1.09 -3.61
N ASN A 23 4.69 1.29 -4.86
CA ASN A 23 5.55 0.35 -5.56
C ASN A 23 6.67 1.09 -6.28
N GLY A 24 7.55 1.73 -5.51
CA GLY A 24 8.65 2.47 -6.08
C GLY A 24 8.23 3.85 -6.54
N ARG A 25 7.65 3.93 -7.74
CA ARG A 25 7.19 5.20 -8.29
C ARG A 25 5.68 5.21 -8.46
N THR A 26 5.10 4.04 -8.70
CA THR A 26 3.66 3.91 -8.88
C THR A 26 3.04 3.09 -7.76
N CYS A 27 1.72 2.99 -7.78
CA CYS A 27 0.98 2.23 -6.78
C CYS A 27 0.80 0.78 -7.21
N ALA A 28 0.23 -0.02 -6.33
CA ALA A 28 0.01 -1.44 -6.60
C ALA A 28 -1.26 -1.95 -5.93
N LYS A 29 -1.61 -3.21 -6.15
CA LYS A 29 -2.84 -3.79 -5.58
C LYS A 29 -2.66 -5.25 -5.20
N PHE A 30 -3.25 -5.63 -4.06
CA PHE A 30 -3.18 -7.01 -3.58
C PHE A 30 -4.28 -7.27 -2.55
N ILE A 31 -4.37 -8.52 -2.09
CA ILE A 31 -5.37 -8.89 -1.11
C ILE A 31 -4.83 -8.68 0.30
N TYR A 32 -5.10 -7.53 0.88
CA TYR A 32 -4.63 -7.20 2.22
C TYR A 32 -5.62 -7.66 3.28
N GLY A 33 -5.37 -8.85 3.83
CA GLY A 33 -6.25 -9.39 4.86
C GLY A 33 -6.27 -8.52 6.10
N GLY A 34 -5.19 -7.77 6.31
CA GLY A 34 -5.11 -6.89 7.46
C GLY A 34 -3.91 -7.19 8.34
N CYS A 35 -3.03 -8.07 7.88
CA CYS A 35 -1.84 -8.44 8.64
C CYS A 35 -0.57 -7.90 7.99
N GLY A 36 0.08 -6.97 8.68
CA GLY A 36 1.30 -6.38 8.15
C GLY A 36 1.05 -5.08 7.42
N GLY A 37 1.03 -3.98 8.16
CA GLY A 37 0.80 -2.68 7.56
C GLY A 37 1.39 -1.55 8.38
N ASN A 38 2.22 -0.73 7.73
CA ASN A 38 2.86 0.40 8.40
C ASN A 38 2.42 1.73 7.77
N GLY A 39 3.13 2.16 6.73
CA GLY A 39 2.79 3.41 6.07
C GLY A 39 2.72 3.28 4.56
N ASN A 40 2.98 2.07 4.06
CA ASN A 40 2.95 1.82 2.62
C ASN A 40 1.56 1.36 2.16
N LYS A 41 0.78 0.83 3.10
CA LYS A 41 -0.56 0.35 2.80
C LYS A 41 -1.55 1.51 2.67
N PHE A 42 -2.58 1.31 1.86
CA PHE A 42 -3.60 2.33 1.65
C PHE A 42 -4.87 1.69 1.07
N PRO A 43 -6.05 2.24 1.42
CA PRO A 43 -7.33 1.72 0.95
C PRO A 43 -7.61 2.05 -0.52
N THR A 44 -7.28 3.28 -0.92
CA THR A 44 -7.49 3.71 -2.30
C THR A 44 -6.19 4.22 -2.93
N GLN A 45 -6.13 4.12 -4.25
CA GLN A 45 -4.95 4.57 -4.99
C GLN A 45 -4.79 6.08 -4.90
N GLU A 46 -5.91 6.78 -4.72
CA GLU A 46 -5.90 8.24 -4.61
C GLU A 46 -5.05 8.68 -3.42
N ALA A 47 -5.07 7.88 -2.36
CA ALA A 47 -4.31 8.18 -1.15
C ALA A 47 -2.83 8.02 -1.39
N CYS A 48 -2.44 6.93 -2.07
CA CYS A 48 -1.04 6.67 -2.36
C CYS A 48 -0.52 7.62 -3.43
N MET A 49 -1.33 7.85 -4.45
CA MET A 49 -0.95 8.75 -5.54
C MET A 49 -0.85 10.20 -5.06
N LYS A 50 -1.44 10.48 -3.91
CA LYS A 50 -1.42 11.83 -3.35
C LYS A 50 -0.20 12.05 -2.45
N ARG A 51 0.39 10.94 -1.98
CA ARG A 51 1.55 11.02 -1.10
C ARG A 51 2.83 10.56 -1.80
N CYS A 52 2.68 9.75 -2.85
CA CYS A 52 3.82 9.25 -3.59
C CYS A 52 4.04 10.02 -4.89
N ALA A 53 2.97 10.64 -5.39
CA ALA A 53 3.06 11.41 -6.64
C ALA A 53 3.24 12.90 -6.36
N LYS A 54 2.34 13.47 -5.57
CA LYS A 54 2.41 14.88 -5.23
C LYS A 54 3.40 15.13 -4.10
N ALA A 55 3.25 14.37 -3.01
CA ALA A 55 4.13 14.51 -1.86
C ALA A 55 5.28 13.50 -1.93
N ILE A 1 10.82 9.65 3.61
CA ILE A 1 11.39 9.21 2.31
C ILE A 1 11.54 7.70 2.26
N ASP A 2 11.84 7.10 3.40
CA ASP A 2 12.01 5.65 3.48
C ASP A 2 10.66 4.93 3.44
N THR A 3 9.57 5.69 3.54
CA THR A 3 8.23 5.12 3.51
C THR A 3 7.76 4.88 2.09
N CYS A 4 8.09 5.80 1.20
CA CYS A 4 7.70 5.68 -0.20
C CYS A 4 8.54 4.64 -0.95
N ARG A 5 9.55 4.09 -0.27
CA ARG A 5 10.41 3.09 -0.89
C ARG A 5 10.23 1.72 -0.25
N LEU A 6 9.50 1.66 0.85
CA LEU A 6 9.27 0.38 1.54
C LEU A 6 7.92 -0.20 1.14
N PRO A 7 7.87 -1.53 0.87
CA PRO A 7 6.64 -2.20 0.48
C PRO A 7 5.74 -2.52 1.68
N SER A 8 4.46 -2.74 1.40
CA SER A 8 3.49 -3.04 2.45
C SER A 8 3.16 -4.54 2.45
N ASP A 9 2.82 -5.07 3.62
CA ASP A 9 2.48 -6.47 3.75
C ASP A 9 0.98 -6.69 3.54
N ARG A 10 0.62 -7.87 3.04
CA ARG A 10 -0.77 -8.19 2.78
C ARG A 10 -1.43 -8.84 3.99
N GLY A 11 -0.64 -9.34 4.92
CA GLY A 11 -1.17 -9.97 6.13
C GLY A 11 -2.51 -10.66 5.91
N ARG A 12 -2.51 -11.73 5.12
CA ARG A 12 -3.74 -12.47 4.84
C ARG A 12 -4.48 -12.78 6.14
N CYS A 13 -3.77 -13.36 7.09
CA CYS A 13 -4.34 -13.71 8.39
C CYS A 13 -5.76 -14.28 8.25
N LYS A 14 -6.77 -13.54 8.70
CA LYS A 14 -8.15 -14.00 8.61
C LYS A 14 -8.94 -13.18 7.59
N ALA A 15 -8.50 -11.95 7.35
CA ALA A 15 -9.18 -11.06 6.41
C ALA A 15 -8.55 -11.14 5.03
N SER A 16 -9.13 -10.40 4.08
CA SER A 16 -8.63 -10.38 2.71
C SER A 16 -9.31 -9.29 1.90
N PHE A 17 -8.80 -8.06 2.01
CA PHE A 17 -9.37 -6.93 1.28
C PHE A 17 -8.35 -6.36 0.30
N GLU A 18 -8.83 -5.98 -0.88
CA GLU A 18 -7.96 -5.42 -1.91
C GLU A 18 -7.62 -3.96 -1.60
N ARG A 19 -6.34 -3.69 -1.40
CA ARG A 19 -5.89 -2.33 -1.10
C ARG A 19 -4.75 -1.92 -2.05
N TRP A 20 -4.33 -0.66 -1.94
CA TRP A 20 -3.26 -0.13 -2.79
C TRP A 20 -2.00 0.16 -1.98
N TYR A 21 -0.85 0.03 -2.63
CA TYR A 21 0.44 0.29 -1.99
C TYR A 21 1.41 0.92 -2.99
N PHE A 22 2.26 1.81 -2.50
CA PHE A 22 3.23 2.48 -3.35
C PHE A 22 4.37 1.53 -3.73
N ASN A 23 4.61 1.40 -5.03
CA ASN A 23 5.67 0.52 -5.53
C ASN A 23 6.57 1.26 -6.50
N GLY A 24 7.54 1.98 -5.96
CA GLY A 24 8.47 2.72 -6.80
C GLY A 24 7.90 4.05 -7.26
N ARG A 25 7.14 4.01 -8.35
CA ARG A 25 6.52 5.21 -8.90
C ARG A 25 5.01 5.07 -9.04
N THR A 26 4.54 3.83 -9.19
CA THR A 26 3.12 3.57 -9.33
C THR A 26 2.57 2.83 -8.11
N CYS A 27 1.25 2.64 -8.09
CA CYS A 27 0.59 1.96 -6.98
C CYS A 27 0.14 0.56 -7.40
N ALA A 28 0.49 -0.43 -6.59
CA ALA A 28 0.13 -1.82 -6.86
C ALA A 28 -1.12 -2.22 -6.08
N LYS A 29 -1.58 -3.46 -6.30
CA LYS A 29 -2.79 -3.95 -5.64
C LYS A 29 -2.65 -5.42 -5.23
N PHE A 30 -3.20 -5.75 -4.06
CA PHE A 30 -3.15 -7.11 -3.54
C PHE A 30 -4.19 -7.30 -2.44
N ILE A 31 -4.31 -8.51 -1.91
CA ILE A 31 -5.28 -8.78 -0.85
C ILE A 31 -4.65 -8.54 0.52
N TYR A 32 -4.87 -7.33 1.04
CA TYR A 32 -4.33 -6.94 2.34
C TYR A 32 -5.31 -7.27 3.46
N GLY A 33 -5.12 -8.43 4.09
CA GLY A 33 -5.97 -8.83 5.19
C GLY A 33 -5.97 -7.82 6.32
N GLY A 34 -4.83 -7.15 6.50
CA GLY A 34 -4.72 -6.16 7.55
C GLY A 34 -3.50 -6.34 8.43
N CYS A 35 -2.65 -7.32 8.11
CA CYS A 35 -1.46 -7.57 8.91
C CYS A 35 -0.19 -7.18 8.14
N GLY A 36 0.59 -6.27 8.72
CA GLY A 36 1.81 -5.82 8.09
C GLY A 36 1.63 -4.55 7.29
N GLY A 37 1.93 -3.42 7.92
CA GLY A 37 1.79 -2.14 7.24
C GLY A 37 2.36 -0.98 8.05
N ASN A 38 2.43 0.19 7.43
CA ASN A 38 2.96 1.37 8.11
C ASN A 38 2.54 2.65 7.37
N GLY A 39 3.30 3.03 6.34
CA GLY A 39 3.00 4.22 5.58
C GLY A 39 2.87 3.96 4.09
N ASN A 40 3.16 2.73 3.67
CA ASN A 40 3.07 2.37 2.27
C ASN A 40 1.68 1.85 1.92
N LYS A 41 0.99 1.33 2.94
CA LYS A 41 -0.36 0.79 2.75
C LYS A 41 -1.36 1.91 2.47
N PHE A 42 -2.33 1.63 1.61
CA PHE A 42 -3.36 2.60 1.26
C PHE A 42 -4.65 1.89 0.85
N PRO A 43 -5.81 2.40 1.30
CA PRO A 43 -7.11 1.79 0.97
C PRO A 43 -7.47 1.93 -0.50
N THR A 44 -7.43 3.16 -1.01
CA THR A 44 -7.76 3.42 -2.40
C THR A 44 -6.56 3.99 -3.16
N GLN A 45 -6.65 3.98 -4.48
CA GLN A 45 -5.57 4.50 -5.32
C GLN A 45 -5.50 6.02 -5.25
N GLU A 46 -6.65 6.66 -5.01
CA GLU A 46 -6.72 8.11 -4.91
C GLU A 46 -5.80 8.61 -3.80
N ALA A 47 -5.68 7.82 -2.74
CA ALA A 47 -4.83 8.18 -1.61
C ALA A 47 -3.36 8.02 -1.95
N CYS A 48 -3.02 6.86 -2.50
CA CYS A 48 -1.64 6.56 -2.89
C CYS A 48 -1.04 7.68 -3.73
N MET A 49 -1.87 8.32 -4.54
CA MET A 49 -1.42 9.41 -5.40
C MET A 49 -1.33 10.73 -4.63
N LYS A 50 -2.31 11.00 -3.80
CA LYS A 50 -2.33 12.23 -3.02
C LYS A 50 -1.42 12.16 -1.79
N ARG A 51 -0.75 11.02 -1.61
CA ARG A 51 0.14 10.85 -0.47
C ARG A 51 1.60 11.02 -0.87
N CYS A 52 2.02 10.37 -1.94
CA CYS A 52 3.40 10.46 -2.41
C CYS A 52 3.50 11.14 -3.77
N ALA A 53 2.43 11.09 -4.55
CA ALA A 53 2.43 11.70 -5.88
C ALA A 53 2.11 13.19 -5.79
N LYS A 54 1.44 13.60 -4.72
CA LYS A 54 1.08 14.99 -4.53
C LYS A 54 2.26 15.78 -3.97
N ALA A 55 2.61 15.49 -2.72
CA ALA A 55 3.73 16.17 -2.06
C ALA A 55 5.06 15.81 -2.72
N ILE A 1 10.85 10.76 3.78
CA ILE A 1 10.40 10.10 2.51
C ILE A 1 10.96 8.69 2.41
N ASP A 2 10.72 7.88 3.43
CA ASP A 2 11.19 6.50 3.46
C ASP A 2 10.03 5.51 3.34
N THR A 3 8.81 6.03 3.33
CA THR A 3 7.63 5.17 3.23
C THR A 3 7.38 4.75 1.78
N CYS A 4 7.55 5.70 0.85
CA CYS A 4 7.33 5.42 -0.56
C CYS A 4 8.37 4.44 -1.11
N ARG A 5 9.43 4.19 -0.34
CA ARG A 5 10.48 3.27 -0.77
C ARG A 5 10.27 1.88 -0.19
N LEU A 6 9.63 1.81 0.98
CA LEU A 6 9.37 0.53 1.63
C LEU A 6 8.05 -0.06 1.17
N PRO A 7 8.08 -1.20 0.46
CA PRO A 7 6.86 -1.86 -0.05
C PRO A 7 5.96 -2.33 1.08
N SER A 8 4.74 -2.74 0.72
CA SER A 8 3.78 -3.22 1.70
C SER A 8 3.56 -4.72 1.56
N ASP A 9 3.22 -5.39 2.66
CA ASP A 9 2.98 -6.82 2.66
C ASP A 9 1.62 -7.16 3.25
N ARG A 10 0.88 -8.02 2.56
CA ARG A 10 -0.44 -8.43 3.03
C ARG A 10 -0.38 -9.64 3.94
N GLY A 11 0.83 -10.15 4.18
CA GLY A 11 0.99 -11.31 5.05
C GLY A 11 0.06 -12.44 4.66
N ARG A 12 0.05 -13.50 5.46
CA ARG A 12 -0.82 -14.65 5.19
C ARG A 12 -2.17 -14.46 5.87
N CYS A 13 -2.23 -14.71 7.18
CA CYS A 13 -3.45 -14.56 7.96
C CYS A 13 -4.70 -14.89 7.13
N LYS A 14 -5.83 -14.26 7.47
CA LYS A 14 -7.08 -14.48 6.74
C LYS A 14 -7.44 -13.26 5.92
N ALA A 15 -6.48 -12.81 5.10
CA ALA A 15 -6.67 -11.64 4.25
C ALA A 15 -7.97 -11.73 3.45
N SER A 16 -8.67 -10.60 3.33
CA SER A 16 -9.92 -10.55 2.58
C SER A 16 -10.25 -9.12 2.15
N PHE A 17 -9.23 -8.26 2.07
CA PHE A 17 -9.45 -6.88 1.66
C PHE A 17 -8.50 -6.50 0.52
N GLU A 18 -8.89 -5.51 -0.26
CA GLU A 18 -8.07 -5.04 -1.38
C GLU A 18 -7.50 -3.66 -1.08
N ARG A 19 -6.18 -3.52 -1.21
CA ARG A 19 -5.52 -2.25 -0.94
C ARG A 19 -4.53 -1.89 -2.04
N TRP A 20 -3.96 -0.69 -1.95
CA TRP A 20 -2.99 -0.22 -2.91
C TRP A 20 -1.63 -0.01 -2.26
N TYR A 21 -0.56 -0.21 -3.01
CA TYR A 21 0.79 -0.05 -2.49
C TYR A 21 1.68 0.67 -3.49
N PHE A 22 2.44 1.65 -3.00
CA PHE A 22 3.33 2.42 -3.86
C PHE A 22 4.50 1.57 -4.32
N ASN A 23 4.57 1.32 -5.63
CA ASN A 23 5.64 0.51 -6.20
C ASN A 23 6.78 1.40 -6.71
N GLY A 24 7.13 2.42 -5.93
CA GLY A 24 8.20 3.31 -6.31
C GLY A 24 7.81 4.26 -7.44
N ARG A 25 7.69 3.72 -8.64
CA ARG A 25 7.35 4.52 -9.81
C ARG A 25 5.84 4.51 -10.07
N THR A 26 5.19 3.38 -9.77
CA THR A 26 3.76 3.25 -9.98
C THR A 26 3.09 2.50 -8.84
N CYS A 27 1.76 2.54 -8.81
CA CYS A 27 1.00 1.87 -7.76
C CYS A 27 0.68 0.43 -8.17
N ALA A 28 0.08 -0.31 -7.24
CA ALA A 28 -0.28 -1.70 -7.49
C ALA A 28 -1.51 -2.10 -6.69
N LYS A 29 -1.98 -3.33 -6.87
CA LYS A 29 -3.18 -3.81 -6.17
C LYS A 29 -3.02 -5.27 -5.73
N PHE A 30 -3.50 -5.56 -4.53
CA PHE A 30 -3.41 -6.91 -3.98
C PHE A 30 -4.38 -7.09 -2.82
N ILE A 31 -4.45 -8.31 -2.28
CA ILE A 31 -5.33 -8.59 -1.16
C ILE A 31 -4.62 -8.32 0.15
N TYR A 32 -4.97 -7.23 0.79
CA TYR A 32 -4.35 -6.85 2.05
C TYR A 32 -5.10 -7.46 3.23
N GLY A 33 -4.42 -8.32 3.95
CA GLY A 33 -5.03 -8.98 5.10
C GLY A 33 -4.68 -8.29 6.41
N GLY A 34 -4.14 -7.07 6.32
CA GLY A 34 -3.79 -6.33 7.52
C GLY A 34 -2.50 -6.81 8.16
N CYS A 35 -1.84 -7.79 7.53
CA CYS A 35 -0.60 -8.34 8.05
C CYS A 35 0.59 -7.94 7.18
N GLY A 36 1.34 -6.94 7.63
CA GLY A 36 2.50 -6.49 6.89
C GLY A 36 2.31 -5.11 6.27
N GLY A 37 1.62 -4.24 6.99
CA GLY A 37 1.38 -2.89 6.48
C GLY A 37 1.92 -1.82 7.40
N ASN A 38 2.20 -0.65 6.85
CA ASN A 38 2.72 0.47 7.63
C ASN A 38 2.31 1.80 7.02
N GLY A 39 3.01 2.21 5.96
CA GLY A 39 2.71 3.46 5.31
C GLY A 39 2.70 3.35 3.80
N ASN A 40 2.96 2.15 3.28
CA ASN A 40 2.98 1.92 1.84
C ASN A 40 1.60 1.51 1.34
N LYS A 41 0.84 0.84 2.20
CA LYS A 41 -0.51 0.39 1.84
C LYS A 41 -1.51 1.54 1.87
N PHE A 42 -2.53 1.45 1.03
CA PHE A 42 -3.56 2.49 0.96
C PHE A 42 -4.90 1.89 0.55
N PRO A 43 -6.01 2.39 1.12
CA PRO A 43 -7.35 1.90 0.80
C PRO A 43 -7.72 2.08 -0.66
N THR A 44 -7.45 3.28 -1.20
CA THR A 44 -7.76 3.58 -2.59
C THR A 44 -6.54 4.13 -3.32
N GLN A 45 -6.61 4.14 -4.64
CA GLN A 45 -5.51 4.64 -5.47
C GLN A 45 -5.28 6.13 -5.24
N GLU A 46 -6.36 6.84 -4.90
CA GLU A 46 -6.29 8.27 -4.65
C GLU A 46 -5.26 8.57 -3.56
N ALA A 47 -5.27 7.77 -2.51
CA ALA A 47 -4.34 7.95 -1.40
C ALA A 47 -2.92 7.52 -1.79
N CYS A 48 -2.84 6.63 -2.77
CA CYS A 48 -1.54 6.13 -3.24
C CYS A 48 -0.65 7.28 -3.69
N MET A 49 -1.18 8.13 -4.57
CA MET A 49 -0.44 9.27 -5.09
C MET A 49 -0.65 10.50 -4.22
N LYS A 50 -1.79 10.58 -3.55
CA LYS A 50 -2.11 11.72 -2.70
C LYS A 50 -1.26 11.71 -1.43
N ARG A 51 -0.65 10.57 -1.12
CA ARG A 51 0.17 10.45 0.07
C ARG A 51 1.66 10.32 -0.26
N CYS A 52 1.95 9.76 -1.44
CA CYS A 52 3.33 9.59 -1.87
C CYS A 52 3.73 10.60 -2.94
N ALA A 53 2.76 11.06 -3.71
CA ALA A 53 3.02 12.03 -4.77
C ALA A 53 2.76 13.46 -4.29
N LYS A 54 1.57 13.68 -3.73
CA LYS A 54 1.21 15.00 -3.23
C LYS A 54 1.99 15.34 -1.96
N ALA A 55 1.85 14.51 -0.94
CA ALA A 55 2.55 14.71 0.32
C ALA A 55 4.06 14.69 0.13
N ILE A 1 12.89 10.36 0.54
CA ILE A 1 11.84 9.74 1.38
C ILE A 1 11.97 8.22 1.38
N ASP A 2 11.81 7.61 2.56
CA ASP A 2 11.92 6.17 2.70
C ASP A 2 10.53 5.53 2.77
N THR A 3 9.54 6.30 3.21
CA THR A 3 8.18 5.82 3.34
C THR A 3 7.69 5.23 2.01
N CYS A 4 8.17 5.79 0.91
CA CYS A 4 7.77 5.32 -0.42
C CYS A 4 8.53 4.05 -0.82
N ARG A 5 9.41 3.57 0.06
CA ARG A 5 10.19 2.36 -0.21
C ARG A 5 9.81 1.23 0.74
N LEU A 6 8.87 1.49 1.65
CA LEU A 6 8.45 0.48 2.61
C LEU A 6 7.68 -0.65 1.91
N PRO A 7 8.09 -1.91 2.15
CA PRO A 7 7.43 -3.07 1.53
C PRO A 7 6.23 -3.54 2.34
N SER A 8 5.06 -3.01 2.01
CA SER A 8 3.83 -3.38 2.72
C SER A 8 3.43 -4.82 2.38
N ASP A 9 3.07 -5.58 3.42
CA ASP A 9 2.65 -6.96 3.23
C ASP A 9 1.13 -7.09 3.35
N ARG A 10 0.51 -7.68 2.34
CA ARG A 10 -0.93 -7.85 2.31
C ARG A 10 -1.39 -8.80 3.41
N GLY A 11 -0.46 -9.55 4.00
CA GLY A 11 -0.80 -10.48 5.05
C GLY A 11 -1.85 -11.49 4.63
N ARG A 12 -1.44 -12.75 4.50
CA ARG A 12 -2.35 -13.81 4.11
C ARG A 12 -3.27 -14.19 5.28
N CYS A 13 -3.01 -13.63 6.45
CA CYS A 13 -3.81 -13.92 7.64
C CYS A 13 -5.30 -13.89 7.33
N LYS A 14 -5.88 -12.68 7.28
CA LYS A 14 -7.30 -12.53 7.00
C LYS A 14 -7.52 -11.91 5.62
N ALA A 15 -6.72 -12.34 4.65
CA ALA A 15 -6.84 -11.83 3.28
C ALA A 15 -8.28 -11.83 2.81
N SER A 16 -8.93 -10.66 2.90
CA SER A 16 -10.33 -10.54 2.48
C SER A 16 -10.58 -9.24 1.71
N PHE A 17 -9.79 -8.21 2.01
CA PHE A 17 -9.97 -6.92 1.34
C PHE A 17 -8.79 -6.62 0.42
N GLU A 18 -8.92 -5.55 -0.37
CA GLU A 18 -7.87 -5.15 -1.29
C GLU A 18 -7.41 -3.73 -1.01
N ARG A 19 -6.11 -3.47 -1.14
CA ARG A 19 -5.57 -2.15 -0.89
C ARG A 19 -4.44 -1.83 -1.87
N TRP A 20 -3.97 -0.58 -1.83
CA TRP A 20 -2.90 -0.14 -2.72
C TRP A 20 -1.61 0.11 -1.93
N TYR A 21 -0.49 -0.04 -2.61
CA TYR A 21 0.82 0.15 -1.98
C TYR A 21 1.80 0.77 -2.98
N PHE A 22 2.48 1.83 -2.57
CA PHE A 22 3.43 2.51 -3.44
C PHE A 22 4.66 1.64 -3.67
N ASN A 23 4.98 1.40 -4.94
CA ASN A 23 6.12 0.58 -5.31
C ASN A 23 7.07 1.36 -6.22
N GLY A 24 7.91 2.20 -5.63
CA GLY A 24 8.85 3.00 -6.39
C GLY A 24 8.21 4.24 -6.98
N ARG A 25 7.56 4.09 -8.12
CA ARG A 25 6.91 5.21 -8.79
C ARG A 25 5.45 4.88 -9.12
N THR A 26 5.15 3.60 -9.28
CA THR A 26 3.79 3.18 -9.59
C THR A 26 3.13 2.46 -8.42
N CYS A 27 1.80 2.45 -8.40
CA CYS A 27 1.07 1.80 -7.33
C CYS A 27 0.80 0.33 -7.66
N ALA A 28 0.39 -0.43 -6.65
CA ALA A 28 0.11 -1.85 -6.82
C ALA A 28 -1.16 -2.23 -6.07
N LYS A 29 -1.58 -3.49 -6.20
CA LYS A 29 -2.81 -3.95 -5.53
C LYS A 29 -2.71 -5.42 -5.13
N PHE A 30 -3.29 -5.75 -3.98
CA PHE A 30 -3.29 -7.10 -3.47
C PHE A 30 -4.38 -7.30 -2.42
N ILE A 31 -4.54 -8.53 -1.93
CA ILE A 31 -5.55 -8.82 -0.92
C ILE A 31 -4.96 -8.61 0.47
N TYR A 32 -5.33 -7.51 1.09
CA TYR A 32 -4.82 -7.17 2.43
C TYR A 32 -5.69 -7.76 3.52
N GLY A 33 -5.16 -8.77 4.19
CA GLY A 33 -5.90 -9.43 5.26
C GLY A 33 -5.72 -8.70 6.58
N GLY A 34 -4.58 -8.02 6.75
CA GLY A 34 -4.33 -7.29 7.97
C GLY A 34 -2.92 -7.49 8.51
N CYS A 35 -2.13 -8.31 7.85
CA CYS A 35 -0.75 -8.57 8.30
C CYS A 35 0.26 -7.96 7.34
N GLY A 36 0.80 -6.80 7.73
CA GLY A 36 1.79 -6.12 6.89
C GLY A 36 1.36 -4.73 6.51
N GLY A 37 1.71 -3.75 7.35
CA GLY A 37 1.36 -2.37 7.06
C GLY A 37 2.30 -1.39 7.74
N ASN A 38 3.02 -0.61 6.93
CA ASN A 38 3.96 0.37 7.47
C ASN A 38 3.52 1.80 7.16
N GLY A 39 3.94 2.31 6.01
CA GLY A 39 3.57 3.67 5.64
C GLY A 39 3.23 3.83 4.17
N ASN A 40 3.31 2.74 3.40
CA ASN A 40 3.01 2.79 1.98
C ASN A 40 1.70 2.09 1.65
N LYS A 41 1.18 1.30 2.60
CA LYS A 41 -0.07 0.59 2.40
C LYS A 41 -1.26 1.54 2.55
N PHE A 42 -1.93 1.81 1.44
CA PHE A 42 -3.09 2.70 1.45
C PHE A 42 -4.34 1.97 0.96
N PRO A 43 -5.53 2.36 1.46
CA PRO A 43 -6.79 1.73 1.07
C PRO A 43 -7.05 1.81 -0.43
N THR A 44 -7.16 3.04 -0.94
CA THR A 44 -7.41 3.26 -2.35
C THR A 44 -6.18 3.80 -3.06
N GLN A 45 -6.23 3.85 -4.39
CA GLN A 45 -5.12 4.35 -5.19
C GLN A 45 -5.02 5.87 -5.06
N GLU A 46 -6.15 6.52 -4.85
CA GLU A 46 -6.19 7.98 -4.72
C GLU A 46 -5.20 8.44 -3.65
N ALA A 47 -5.14 7.69 -2.56
CA ALA A 47 -4.23 8.01 -1.46
C ALA A 47 -2.80 7.62 -1.79
N CYS A 48 -2.65 6.60 -2.63
CA CYS A 48 -1.33 6.12 -3.04
C CYS A 48 -0.52 7.24 -3.67
N MET A 49 -1.11 7.92 -4.65
CA MET A 49 -0.43 9.01 -5.34
C MET A 49 -0.59 10.33 -4.59
N LYS A 50 -1.73 10.50 -3.93
CA LYS A 50 -2.01 11.72 -3.18
C LYS A 50 -1.16 11.80 -1.91
N ARG A 51 -0.48 10.71 -1.57
CA ARG A 51 0.35 10.68 -0.37
C ARG A 51 1.84 10.68 -0.72
N CYS A 52 2.20 10.06 -1.83
CA CYS A 52 3.61 9.98 -2.24
C CYS A 52 3.85 10.67 -3.58
N ALA A 53 2.83 10.72 -4.43
CA ALA A 53 2.96 11.34 -5.74
C ALA A 53 2.70 12.84 -5.67
N LYS A 54 1.89 13.25 -4.70
CA LYS A 54 1.57 14.66 -4.53
C LYS A 54 2.23 15.22 -3.28
N ALA A 55 1.82 14.71 -2.12
CA ALA A 55 2.38 15.15 -0.84
C ALA A 55 3.88 14.92 -0.79
N ILE A 1 8.40 10.23 2.60
CA ILE A 1 9.29 9.97 1.43
C ILE A 1 9.91 8.57 1.52
N ASP A 2 10.39 8.21 2.70
CA ASP A 2 11.00 6.90 2.91
C ASP A 2 9.95 5.80 2.90
N THR A 3 8.72 6.15 3.27
CA THR A 3 7.62 5.19 3.29
C THR A 3 7.41 4.56 1.92
N CYS A 4 7.60 5.36 0.88
CA CYS A 4 7.43 4.87 -0.49
C CYS A 4 8.53 3.88 -0.86
N ARG A 5 9.57 3.83 -0.05
CA ARG A 5 10.70 2.92 -0.30
C ARG A 5 10.47 1.57 0.36
N LEU A 6 9.76 1.58 1.48
CA LEU A 6 9.49 0.34 2.22
C LEU A 6 8.17 -0.28 1.77
N PRO A 7 8.22 -1.47 1.13
CA PRO A 7 7.01 -2.16 0.65
C PRO A 7 6.02 -2.44 1.77
N SER A 8 4.76 -2.63 1.41
CA SER A 8 3.72 -2.89 2.40
C SER A 8 3.22 -4.33 2.29
N ASP A 9 3.14 -5.01 3.42
CA ASP A 9 2.67 -6.39 3.45
C ASP A 9 1.17 -6.44 3.65
N ARG A 10 0.51 -7.38 2.99
CA ARG A 10 -0.93 -7.52 3.07
C ARG A 10 -1.38 -8.39 4.25
N GLY A 11 -0.43 -9.10 4.85
CA GLY A 11 -0.77 -9.95 5.98
C GLY A 11 -1.83 -10.98 5.64
N ARG A 12 -1.52 -12.25 5.86
CA ARG A 12 -2.48 -13.32 5.59
C ARG A 12 -3.44 -13.52 6.76
N CYS A 13 -3.29 -12.70 7.81
CA CYS A 13 -4.14 -12.80 8.98
C CYS A 13 -5.62 -12.64 8.61
N LYS A 14 -5.99 -11.48 8.10
CA LYS A 14 -7.37 -11.22 7.71
C LYS A 14 -7.50 -11.11 6.19
N ALA A 15 -6.71 -11.89 5.46
CA ALA A 15 -6.74 -11.89 4.01
C ALA A 15 -8.17 -11.99 3.48
N SER A 16 -8.75 -10.84 3.15
CA SER A 16 -10.11 -10.80 2.62
C SER A 16 -10.47 -9.42 2.10
N PHE A 17 -9.48 -8.72 1.54
CA PHE A 17 -9.70 -7.38 1.01
C PHE A 17 -8.64 -7.04 -0.04
N GLU A 18 -8.80 -5.88 -0.66
CA GLU A 18 -7.86 -5.42 -1.68
C GLU A 18 -7.35 -4.02 -1.34
N ARG A 19 -6.12 -3.72 -1.78
CA ARG A 19 -5.54 -2.41 -1.50
C ARG A 19 -4.45 -2.06 -2.53
N TRP A 20 -4.00 -0.82 -2.48
CA TRP A 20 -2.97 -0.34 -3.39
C TRP A 20 -1.68 -0.01 -2.63
N TYR A 21 -0.55 -0.19 -3.28
CA TYR A 21 0.75 0.07 -2.66
C TYR A 21 1.71 0.70 -3.67
N PHE A 22 2.54 1.62 -3.20
CA PHE A 22 3.50 2.30 -4.06
C PHE A 22 4.59 1.34 -4.52
N ASN A 23 4.69 1.14 -5.83
CA ASN A 23 5.70 0.24 -6.39
C ASN A 23 6.85 1.04 -7.01
N GLY A 24 7.45 1.91 -6.21
CA GLY A 24 8.56 2.72 -6.69
C GLY A 24 8.13 3.77 -7.70
N ARG A 25 7.90 3.34 -8.93
CA ARG A 25 7.49 4.24 -10.00
C ARG A 25 5.97 4.28 -10.12
N THR A 26 5.36 3.11 -10.17
CA THR A 26 3.91 3.00 -10.29
C THR A 26 3.31 2.27 -9.10
N CYS A 27 1.99 2.25 -9.02
CA CYS A 27 1.30 1.57 -7.93
C CYS A 27 1.02 0.11 -8.29
N ALA A 28 0.53 -0.64 -7.30
CA ALA A 28 0.25 -2.06 -7.51
C ALA A 28 -1.04 -2.47 -6.77
N LYS A 29 -1.44 -3.72 -6.93
CA LYS A 29 -2.66 -4.22 -6.29
C LYS A 29 -2.49 -5.65 -5.77
N PHE A 30 -3.05 -5.90 -4.60
CA PHE A 30 -2.97 -7.21 -3.97
C PHE A 30 -4.10 -7.40 -2.96
N ILE A 31 -4.18 -8.59 -2.38
CA ILE A 31 -5.22 -8.88 -1.40
C ILE A 31 -4.73 -8.51 0.00
N TYR A 32 -5.33 -7.46 0.55
CA TYR A 32 -4.94 -6.98 1.87
C TYR A 32 -5.73 -7.66 2.98
N GLY A 33 -5.00 -8.28 3.91
CA GLY A 33 -5.62 -8.95 5.02
C GLY A 33 -5.77 -8.05 6.22
N GLY A 34 -4.68 -7.44 6.65
CA GLY A 34 -4.72 -6.55 7.78
C GLY A 34 -3.37 -6.35 8.46
N CYS A 35 -2.48 -7.33 8.32
CA CYS A 35 -1.15 -7.23 8.94
C CYS A 35 -0.06 -7.05 7.89
N GLY A 36 1.05 -6.46 8.31
CA GLY A 36 2.17 -6.24 7.41
C GLY A 36 2.26 -4.80 6.93
N GLY A 37 1.13 -4.25 6.50
CA GLY A 37 1.11 -2.88 6.02
C GLY A 37 1.57 -1.89 7.07
N ASN A 38 1.79 -0.65 6.66
CA ASN A 38 2.23 0.40 7.58
C ASN A 38 1.98 1.78 6.99
N GLY A 39 2.73 2.11 5.94
CA GLY A 39 2.58 3.41 5.30
C GLY A 39 2.63 3.35 3.79
N ASN A 40 2.95 2.17 3.24
CA ASN A 40 3.04 2.00 1.80
C ASN A 40 1.72 1.49 1.23
N LYS A 41 0.90 0.90 2.08
CA LYS A 41 -0.40 0.37 1.65
C LYS A 41 -1.44 1.48 1.60
N PHE A 42 -2.51 1.24 0.83
CA PHE A 42 -3.58 2.22 0.69
C PHE A 42 -4.88 1.54 0.27
N PRO A 43 -6.04 2.08 0.70
CA PRO A 43 -7.35 1.52 0.36
C PRO A 43 -7.72 1.77 -1.10
N THR A 44 -7.29 2.91 -1.63
CA THR A 44 -7.59 3.27 -3.02
C THR A 44 -6.34 3.77 -3.73
N GLN A 45 -6.44 3.95 -5.04
CA GLN A 45 -5.32 4.43 -5.84
C GLN A 45 -5.09 5.91 -5.61
N GLU A 46 -6.17 6.64 -5.34
CA GLU A 46 -6.09 8.07 -5.10
C GLU A 46 -5.13 8.38 -3.96
N ALA A 47 -5.14 7.53 -2.94
CA ALA A 47 -4.26 7.70 -1.78
C ALA A 47 -2.83 7.27 -2.10
N CYS A 48 -2.70 6.33 -3.04
CA CYS A 48 -1.40 5.83 -3.44
C CYS A 48 -0.48 6.97 -3.88
N MET A 49 -0.99 7.83 -4.76
CA MET A 49 -0.21 8.95 -5.26
C MET A 49 -0.39 10.19 -4.39
N LYS A 50 -1.54 10.29 -3.72
CA LYS A 50 -1.82 11.43 -2.87
C LYS A 50 -0.96 11.43 -1.61
N ARG A 51 -0.46 10.25 -1.24
CA ARG A 51 0.37 10.13 -0.05
C ARG A 51 1.85 9.97 -0.41
N CYS A 52 2.12 9.39 -1.57
CA CYS A 52 3.49 9.18 -2.01
C CYS A 52 3.88 10.13 -3.15
N ALA A 53 2.94 10.36 -4.06
CA ALA A 53 3.19 11.24 -5.20
C ALA A 53 2.99 12.71 -4.80
N LYS A 54 2.17 12.94 -3.80
CA LYS A 54 1.89 14.29 -3.33
C LYS A 54 2.96 14.76 -2.34
N ALA A 55 3.06 14.06 -1.21
CA ALA A 55 4.04 14.40 -0.19
C ALA A 55 5.43 13.90 -0.57
N ILE A 1 10.82 11.10 3.58
CA ILE A 1 9.99 10.35 2.60
C ILE A 1 10.63 9.00 2.26
N ASP A 2 10.59 8.09 3.23
CA ASP A 2 11.17 6.76 3.04
C ASP A 2 10.09 5.69 2.96
N THR A 3 8.89 6.03 3.46
CA THR A 3 7.77 5.09 3.45
C THR A 3 7.49 4.57 2.04
N CYS A 4 7.62 5.46 1.06
CA CYS A 4 7.38 5.10 -0.34
C CYS A 4 8.43 4.11 -0.85
N ARG A 5 9.52 3.96 -0.09
CA ARG A 5 10.60 3.05 -0.47
C ARG A 5 10.35 1.65 0.08
N LEU A 6 9.73 1.57 1.25
CA LEU A 6 9.44 0.28 1.88
C LEU A 6 8.07 -0.23 1.47
N PRO A 7 7.97 -1.52 1.09
CA PRO A 7 6.70 -2.13 0.67
C PRO A 7 5.83 -2.54 1.85
N SER A 8 4.56 -2.79 1.57
CA SER A 8 3.62 -3.19 2.63
C SER A 8 3.22 -4.66 2.46
N ASP A 9 3.20 -5.39 3.57
CA ASP A 9 2.83 -6.80 3.54
C ASP A 9 1.34 -6.98 3.80
N ARG A 10 0.67 -7.71 2.93
CA ARG A 10 -0.76 -7.95 3.06
C ARG A 10 -1.07 -8.99 4.13
N GLY A 11 -0.03 -9.57 4.73
CA GLY A 11 -0.22 -10.57 5.77
C GLY A 11 -1.19 -11.67 5.36
N ARG A 12 -1.30 -12.69 6.20
CA ARG A 12 -2.20 -13.81 5.93
C ARG A 12 -3.39 -13.81 6.89
N CYS A 13 -3.31 -12.98 7.93
CA CYS A 13 -4.36 -12.89 8.94
C CYS A 13 -5.76 -12.95 8.31
N LYS A 14 -6.27 -11.80 7.87
CA LYS A 14 -7.59 -11.75 7.25
C LYS A 14 -7.50 -11.46 5.75
N ALA A 15 -6.69 -12.26 5.06
CA ALA A 15 -6.52 -12.09 3.61
C ALA A 15 -7.86 -12.22 2.89
N SER A 16 -8.50 -11.08 2.65
CA SER A 16 -9.80 -11.07 1.97
C SER A 16 -10.17 -9.67 1.47
N PHE A 17 -9.17 -8.81 1.29
CA PHE A 17 -9.42 -7.45 0.82
C PHE A 17 -8.38 -7.03 -0.22
N GLU A 18 -8.65 -5.94 -0.92
CA GLU A 18 -7.72 -5.44 -1.94
C GLU A 18 -7.33 -4.00 -1.64
N ARG A 19 -6.04 -3.69 -1.81
CA ARG A 19 -5.54 -2.34 -1.55
C ARG A 19 -4.40 -1.98 -2.50
N TRP A 20 -3.95 -0.73 -2.41
CA TRP A 20 -2.86 -0.24 -3.24
C TRP A 20 -1.59 -0.03 -2.42
N TYR A 21 -0.44 -0.17 -3.06
CA TYR A 21 0.84 0.00 -2.37
C TYR A 21 1.86 0.66 -3.29
N PHE A 22 2.69 1.53 -2.73
CA PHE A 22 3.71 2.22 -3.51
C PHE A 22 4.83 1.26 -3.92
N ASN A 23 5.06 1.16 -5.23
CA ASN A 23 6.09 0.28 -5.76
C ASN A 23 7.17 1.08 -6.49
N GLY A 24 8.02 1.76 -5.71
CA GLY A 24 9.08 2.56 -6.30
C GLY A 24 8.59 3.89 -6.80
N ARG A 25 8.05 3.90 -8.02
CA ARG A 25 7.53 5.14 -8.61
C ARG A 25 6.03 5.03 -8.88
N THR A 26 5.56 3.83 -9.20
CA THR A 26 4.16 3.61 -9.49
C THR A 26 3.50 2.78 -8.39
N CYS A 27 2.18 2.72 -8.41
CA CYS A 27 1.42 1.96 -7.42
C CYS A 27 1.21 0.51 -7.88
N ALA A 28 0.63 -0.29 -7.00
CA ALA A 28 0.38 -1.69 -7.30
C ALA A 28 -0.94 -2.16 -6.70
N LYS A 29 -1.31 -3.42 -6.96
CA LYS A 29 -2.56 -3.98 -6.46
C LYS A 29 -2.37 -5.41 -5.97
N PHE A 30 -2.94 -5.70 -4.79
CA PHE A 30 -2.83 -7.02 -4.19
C PHE A 30 -3.93 -7.25 -3.15
N ILE A 31 -3.98 -8.45 -2.60
CA ILE A 31 -4.98 -8.78 -1.61
C ILE A 31 -4.45 -8.47 -0.22
N TYR A 32 -4.98 -7.41 0.39
CA TYR A 32 -4.53 -6.99 1.70
C TYR A 32 -5.32 -7.67 2.80
N GLY A 33 -4.61 -8.44 3.63
CA GLY A 33 -5.25 -9.14 4.72
C GLY A 33 -5.42 -8.26 5.93
N GLY A 34 -4.51 -7.30 6.10
CA GLY A 34 -4.60 -6.39 7.23
C GLY A 34 -3.29 -6.29 8.01
N CYS A 35 -2.51 -7.36 8.02
CA CYS A 35 -1.24 -7.37 8.74
C CYS A 35 -0.06 -7.41 7.78
N GLY A 36 1.04 -6.79 8.19
CA GLY A 36 2.23 -6.76 7.36
C GLY A 36 2.53 -5.38 6.82
N GLY A 37 1.49 -4.57 6.67
CA GLY A 37 1.66 -3.22 6.16
C GLY A 37 2.11 -2.25 7.24
N ASN A 38 2.13 -0.96 6.89
CA ASN A 38 2.54 0.08 7.82
C ASN A 38 2.24 1.46 7.25
N GLY A 39 3.03 1.88 6.28
CA GLY A 39 2.83 3.18 5.65
C GLY A 39 2.85 3.11 4.14
N ASN A 40 3.07 1.92 3.60
CA ASN A 40 3.11 1.72 2.15
C ASN A 40 1.74 1.31 1.61
N LYS A 41 0.91 0.76 2.49
CA LYS A 41 -0.43 0.32 2.10
C LYS A 41 -1.35 1.51 1.87
N PHE A 42 -2.33 1.34 1.00
CA PHE A 42 -3.29 2.39 0.68
C PHE A 42 -4.64 1.80 0.30
N PRO A 43 -5.69 2.04 1.12
CA PRO A 43 -7.04 1.51 0.85
C PRO A 43 -7.50 1.79 -0.58
N THR A 44 -7.30 3.02 -1.03
CA THR A 44 -7.71 3.41 -2.37
C THR A 44 -6.54 3.99 -3.16
N GLN A 45 -6.64 3.95 -4.48
CA GLN A 45 -5.59 4.47 -5.35
C GLN A 45 -5.47 5.99 -5.19
N GLU A 46 -6.59 6.64 -4.89
CA GLU A 46 -6.60 8.09 -4.71
C GLU A 46 -5.61 8.52 -3.62
N ALA A 47 -5.48 7.70 -2.60
CA ALA A 47 -4.57 7.98 -1.50
C ALA A 47 -3.11 7.76 -1.92
N CYS A 48 -2.92 6.82 -2.85
CA CYS A 48 -1.58 6.50 -3.34
C CYS A 48 -0.95 7.68 -4.06
N MET A 49 -1.71 8.30 -4.96
CA MET A 49 -1.22 9.45 -5.72
C MET A 49 -1.04 10.68 -4.84
N LYS A 50 -1.96 10.89 -3.90
CA LYS A 50 -1.90 12.04 -3.01
C LYS A 50 -0.87 11.85 -1.89
N ARG A 51 -0.19 10.71 -1.89
CA ARG A 51 0.82 10.43 -0.87
C ARG A 51 2.22 10.77 -1.37
N CYS A 52 2.57 10.23 -2.53
CA CYS A 52 3.90 10.48 -3.10
C CYS A 52 3.80 11.29 -4.39
N ALA A 53 2.69 11.14 -5.11
CA ALA A 53 2.50 11.88 -6.36
C ALA A 53 2.09 13.33 -6.10
N LYS A 54 1.49 13.57 -4.93
CA LYS A 54 1.06 14.92 -4.57
C LYS A 54 2.25 15.86 -4.48
N ALA A 55 3.08 15.67 -3.47
CA ALA A 55 4.25 16.51 -3.27
C ALA A 55 5.39 16.10 -4.18
N ILE A 1 8.87 10.63 2.21
CA ILE A 1 9.18 9.90 0.94
C ILE A 1 9.70 8.50 1.24
N ASP A 2 10.39 8.35 2.36
CA ASP A 2 10.94 7.05 2.76
C ASP A 2 9.84 6.01 2.88
N THR A 3 8.62 6.46 3.16
CA THR A 3 7.48 5.56 3.30
C THR A 3 7.30 4.72 2.05
N CYS A 4 7.69 5.27 0.90
CA CYS A 4 7.57 4.56 -0.37
C CYS A 4 8.65 3.49 -0.52
N ARG A 5 9.54 3.39 0.46
CA ARG A 5 10.62 2.41 0.43
C ARG A 5 10.23 1.13 1.17
N LEU A 6 9.25 1.23 2.05
CA LEU A 6 8.80 0.06 2.83
C LEU A 6 7.90 -0.84 1.98
N PRO A 7 8.30 -2.11 1.78
CA PRO A 7 7.51 -3.05 1.00
C PRO A 7 6.28 -3.55 1.77
N SER A 8 5.15 -2.87 1.56
CA SER A 8 3.91 -3.23 2.23
C SER A 8 3.46 -4.64 1.85
N ASP A 9 3.36 -5.51 2.85
CA ASP A 9 2.93 -6.88 2.61
C ASP A 9 1.41 -6.99 2.72
N ARG A 10 0.84 -7.95 1.99
CA ARG A 10 -0.61 -8.14 2.00
C ARG A 10 -1.05 -9.14 3.06
N GLY A 11 -0.10 -9.92 3.58
CA GLY A 11 -0.43 -10.89 4.60
C GLY A 11 -1.49 -11.87 4.16
N ARG A 12 -1.52 -13.04 4.82
CA ARG A 12 -2.50 -14.07 4.49
C ARG A 12 -3.53 -14.21 5.62
N CYS A 13 -3.24 -13.59 6.76
CA CYS A 13 -4.13 -13.65 7.93
C CYS A 13 -5.61 -13.52 7.53
N LYS A 14 -6.06 -12.28 7.36
CA LYS A 14 -7.46 -12.02 6.99
C LYS A 14 -7.56 -11.50 5.57
N ALA A 15 -6.72 -12.02 4.68
CA ALA A 15 -6.72 -11.60 3.28
C ALA A 15 -8.15 -11.63 2.71
N SER A 16 -8.68 -10.45 2.40
CA SER A 16 -10.02 -10.34 1.85
C SER A 16 -10.31 -8.92 1.36
N PHE A 17 -9.71 -7.93 2.01
CA PHE A 17 -9.92 -6.54 1.63
C PHE A 17 -8.76 -6.03 0.78
N GLU A 18 -9.06 -5.69 -0.46
CA GLU A 18 -8.02 -5.20 -1.37
C GLU A 18 -7.57 -3.80 -0.98
N ARG A 19 -6.27 -3.57 -1.07
CA ARG A 19 -5.70 -2.27 -0.74
C ARG A 19 -4.65 -1.85 -1.76
N TRP A 20 -4.32 -0.56 -1.76
CA TRP A 20 -3.34 0.00 -2.69
C TRP A 20 -2.03 0.27 -1.97
N TYR A 21 -0.92 0.15 -2.70
CA TYR A 21 0.41 0.38 -2.14
C TYR A 21 1.33 1.01 -3.17
N PHE A 22 1.99 2.09 -2.78
CA PHE A 22 2.91 2.79 -3.68
C PHE A 22 4.30 2.17 -3.64
N ASN A 23 4.66 1.47 -4.70
CA ASN A 23 5.96 0.83 -4.78
C ASN A 23 7.00 1.75 -5.44
N GLY A 24 7.69 2.52 -4.61
CA GLY A 24 8.69 3.44 -5.11
C GLY A 24 8.09 4.71 -5.66
N ARG A 25 7.21 4.58 -6.65
CA ARG A 25 6.55 5.72 -7.26
C ARG A 25 5.19 5.35 -7.84
N THR A 26 5.05 4.11 -8.31
CA THR A 26 3.80 3.64 -8.90
C THR A 26 2.94 2.95 -7.84
N CYS A 27 1.68 2.71 -8.17
CA CYS A 27 0.75 2.06 -7.26
C CYS A 27 0.60 0.58 -7.60
N ALA A 28 -0.07 -0.15 -6.72
CA ALA A 28 -0.29 -1.59 -6.91
C ALA A 28 -1.56 -2.04 -6.20
N LYS A 29 -1.91 -3.32 -6.35
CA LYS A 29 -3.12 -3.86 -5.73
C LYS A 29 -2.94 -5.31 -5.29
N PHE A 30 -3.48 -5.62 -4.12
CA PHE A 30 -3.39 -6.97 -3.56
C PHE A 30 -4.47 -7.17 -2.49
N ILE A 31 -4.55 -8.38 -1.94
CA ILE A 31 -5.53 -8.68 -0.91
C ILE A 31 -4.95 -8.39 0.46
N TYR A 32 -5.38 -7.29 1.07
CA TYR A 32 -4.87 -6.88 2.38
C TYR A 32 -5.70 -7.50 3.50
N GLY A 33 -5.10 -8.47 4.18
CA GLY A 33 -5.77 -9.13 5.29
C GLY A 33 -5.47 -8.46 6.62
N GLY A 34 -4.31 -7.82 6.71
CA GLY A 34 -3.94 -7.13 7.93
C GLY A 34 -2.48 -7.35 8.31
N CYS A 35 -1.80 -8.25 7.60
CA CYS A 35 -0.40 -8.54 7.89
C CYS A 35 0.52 -8.03 6.79
N GLY A 36 1.24 -6.95 7.08
CA GLY A 36 2.15 -6.38 6.09
C GLY A 36 1.94 -4.89 5.88
N GLY A 37 0.81 -4.37 6.35
CA GLY A 37 0.53 -2.96 6.20
C GLY A 37 1.11 -2.11 7.32
N ASN A 38 1.90 -1.10 6.94
CA ASN A 38 2.51 -0.21 7.91
C ASN A 38 2.34 1.25 7.50
N GLY A 39 3.10 1.67 6.50
CA GLY A 39 3.01 3.04 6.02
C GLY A 39 3.07 3.14 4.50
N ASN A 40 3.19 2.00 3.82
CA ASN A 40 3.26 1.98 2.37
C ASN A 40 1.92 1.61 1.75
N LYS A 41 1.02 1.05 2.55
CA LYS A 41 -0.30 0.65 2.07
C LYS A 41 -1.31 1.79 2.19
N PHE A 42 -2.38 1.70 1.41
CA PHE A 42 -3.43 2.71 1.42
C PHE A 42 -4.74 2.12 0.90
N PRO A 43 -5.88 2.46 1.54
CA PRO A 43 -7.19 1.94 1.13
C PRO A 43 -7.53 2.25 -0.33
N THR A 44 -7.21 3.46 -0.77
CA THR A 44 -7.48 3.87 -2.14
C THR A 44 -6.21 4.30 -2.87
N GLN A 45 -6.24 4.22 -4.19
CA GLN A 45 -5.10 4.59 -5.02
C GLN A 45 -4.90 6.10 -5.02
N GLU A 46 -6.00 6.83 -4.77
CA GLU A 46 -5.94 8.29 -4.75
C GLU A 46 -4.97 8.79 -3.68
N ALA A 47 -4.72 7.94 -2.68
CA ALA A 47 -3.81 8.30 -1.60
C ALA A 47 -2.38 7.91 -1.93
N CYS A 48 -2.21 6.72 -2.52
CA CYS A 48 -0.88 6.24 -2.89
C CYS A 48 -0.20 7.18 -3.87
N MET A 49 -1.00 7.88 -4.67
CA MET A 49 -0.47 8.81 -5.66
C MET A 49 -0.28 10.20 -5.06
N LYS A 50 -1.23 10.62 -4.23
CA LYS A 50 -1.18 11.93 -3.60
C LYS A 50 -0.13 11.97 -2.49
N ARG A 51 0.44 10.83 -2.15
CA ARG A 51 1.45 10.75 -1.10
C ARG A 51 2.84 10.47 -1.66
N CYS A 52 2.90 9.75 -2.78
CA CYS A 52 4.18 9.41 -3.40
C CYS A 52 4.30 9.99 -4.80
N ALA A 53 3.17 10.14 -5.50
CA ALA A 53 3.18 10.68 -6.85
C ALA A 53 3.12 12.20 -6.83
N LYS A 54 2.48 12.76 -5.80
CA LYS A 54 2.37 14.21 -5.68
C LYS A 54 3.43 14.77 -4.75
N ALA A 55 3.48 14.24 -3.53
CA ALA A 55 4.45 14.68 -2.54
C ALA A 55 5.88 14.44 -3.02
N ILE A 1 13.08 10.00 1.33
CA ILE A 1 11.87 9.15 1.30
C ILE A 1 12.15 7.77 1.89
N ASP A 2 11.53 7.47 3.03
CA ASP A 2 11.74 6.19 3.69
C ASP A 2 10.48 5.32 3.61
N THR A 3 9.33 5.95 3.39
CA THR A 3 8.07 5.23 3.30
C THR A 3 7.84 4.67 1.91
N CYS A 4 8.04 5.50 0.89
CA CYS A 4 7.85 5.10 -0.49
C CYS A 4 8.87 4.02 -0.91
N ARG A 5 9.90 3.82 -0.11
CA ARG A 5 10.92 2.83 -0.42
C ARG A 5 10.63 1.50 0.27
N LEU A 6 9.99 1.56 1.43
CA LEU A 6 9.65 0.35 2.17
C LEU A 6 8.31 -0.22 1.70
N PRO A 7 8.30 -1.50 1.26
CA PRO A 7 7.08 -2.16 0.79
C PRO A 7 6.16 -2.56 1.95
N SER A 8 4.90 -2.85 1.62
CA SER A 8 3.92 -3.25 2.62
C SER A 8 3.59 -4.73 2.49
N ASP A 9 3.26 -5.36 3.62
CA ASP A 9 2.93 -6.78 3.63
C ASP A 9 1.42 -6.97 3.41
N ARG A 10 1.07 -8.08 2.77
CA ARG A 10 -0.33 -8.39 2.49
C ARG A 10 -0.99 -9.18 3.62
N GLY A 11 -0.18 -9.65 4.57
CA GLY A 11 -0.70 -10.42 5.70
C GLY A 11 -1.92 -11.24 5.36
N ARG A 12 -1.70 -12.48 4.92
CA ARG A 12 -2.82 -13.37 4.57
C ARG A 12 -3.86 -13.38 5.69
N CYS A 13 -3.49 -13.95 6.83
CA CYS A 13 -4.38 -14.02 7.97
C CYS A 13 -5.79 -14.47 7.56
N LYS A 14 -6.79 -14.18 8.38
CA LYS A 14 -8.16 -14.57 8.08
C LYS A 14 -8.87 -13.53 7.21
N ALA A 15 -8.14 -12.51 6.77
CA ALA A 15 -8.73 -11.47 5.94
C ALA A 15 -8.19 -11.54 4.50
N SER A 16 -8.87 -10.82 3.60
CA SER A 16 -8.47 -10.80 2.20
C SER A 16 -9.12 -9.63 1.47
N PHE A 17 -8.60 -8.44 1.70
CA PHE A 17 -9.13 -7.23 1.06
C PHE A 17 -8.11 -6.66 0.07
N GLU A 18 -8.54 -5.69 -0.72
CA GLU A 18 -7.66 -5.07 -1.71
C GLU A 18 -7.18 -3.71 -1.23
N ARG A 19 -5.89 -3.44 -1.43
CA ARG A 19 -5.30 -2.17 -1.02
C ARG A 19 -4.23 -1.73 -2.00
N TRP A 20 -3.85 -0.46 -1.93
CA TRP A 20 -2.82 0.10 -2.81
C TRP A 20 -1.52 0.36 -2.05
N TYR A 21 -0.40 0.13 -2.73
CA TYR A 21 0.91 0.34 -2.12
C TYR A 21 1.82 1.12 -3.07
N PHE A 22 2.76 1.86 -2.51
CA PHE A 22 3.68 2.66 -3.31
C PHE A 22 4.66 1.76 -4.08
N ASN A 23 5.04 2.21 -5.27
CA ASN A 23 5.97 1.44 -6.10
C ASN A 23 6.76 2.37 -7.02
N GLY A 24 7.68 3.13 -6.44
CA GLY A 24 8.49 4.05 -7.21
C GLY A 24 7.75 5.34 -7.51
N ARG A 25 6.94 5.33 -8.57
CA ARG A 25 6.18 6.51 -8.96
C ARG A 25 4.68 6.23 -8.89
N THR A 26 4.30 4.98 -9.16
CA THR A 26 2.90 4.58 -9.12
C THR A 26 2.65 3.57 -8.01
N CYS A 27 1.39 3.20 -7.83
CA CYS A 27 1.01 2.25 -6.80
C CYS A 27 0.54 0.93 -7.42
N ALA A 28 0.56 -0.12 -6.62
CA ALA A 28 0.15 -1.45 -7.07
C ALA A 28 -1.04 -1.94 -6.25
N LYS A 29 -1.56 -3.12 -6.58
CA LYS A 29 -2.72 -3.68 -5.88
C LYS A 29 -2.52 -5.14 -5.53
N PHE A 30 -2.94 -5.51 -4.32
CA PHE A 30 -2.81 -6.88 -3.84
C PHE A 30 -3.85 -7.18 -2.76
N ILE A 31 -3.88 -8.44 -2.31
CA ILE A 31 -4.83 -8.84 -1.27
C ILE A 31 -4.24 -8.63 0.11
N TYR A 32 -4.53 -7.48 0.70
CA TYR A 32 -4.02 -7.13 2.02
C TYR A 32 -4.99 -7.57 3.13
N GLY A 33 -4.69 -8.70 3.75
CA GLY A 33 -5.53 -9.20 4.81
C GLY A 33 -5.58 -8.24 5.99
N GLY A 34 -4.62 -7.32 6.04
CA GLY A 34 -4.59 -6.35 7.12
C GLY A 34 -3.39 -6.54 8.04
N CYS A 35 -2.57 -7.55 7.76
CA CYS A 35 -1.40 -7.83 8.59
C CYS A 35 -0.11 -7.49 7.84
N GLY A 36 0.72 -6.67 8.47
CA GLY A 36 1.98 -6.28 7.85
C GLY A 36 1.87 -4.99 7.07
N GLY A 37 1.60 -3.89 7.76
CA GLY A 37 1.46 -2.60 7.10
C GLY A 37 1.88 -1.45 8.00
N ASN A 38 2.44 -0.41 7.39
CA ASN A 38 2.88 0.77 8.14
C ASN A 38 2.45 2.05 7.44
N GLY A 39 3.22 2.49 6.45
CA GLY A 39 2.90 3.70 5.73
C GLY A 39 2.93 3.52 4.22
N ASN A 40 3.24 2.31 3.77
CA ASN A 40 3.30 2.02 2.34
C ASN A 40 1.94 1.56 1.82
N LYS A 41 1.15 0.94 2.70
CA LYS A 41 -0.17 0.46 2.32
C LYS A 41 -1.19 1.59 2.30
N PHE A 42 -2.24 1.42 1.50
CA PHE A 42 -3.29 2.43 1.39
C PHE A 42 -4.61 1.79 0.97
N PRO A 43 -5.74 2.34 1.44
CA PRO A 43 -7.07 1.81 1.12
C PRO A 43 -7.54 2.19 -0.28
N THR A 44 -7.36 3.46 -0.64
CA THR A 44 -7.77 3.95 -1.95
C THR A 44 -6.57 4.34 -2.80
N GLN A 45 -6.75 4.26 -4.12
CA GLN A 45 -5.69 4.61 -5.07
C GLN A 45 -5.48 6.13 -5.12
N GLU A 46 -6.52 6.87 -4.72
CA GLU A 46 -6.44 8.34 -4.73
C GLU A 46 -5.43 8.83 -3.70
N ALA A 47 -5.25 8.07 -2.63
CA ALA A 47 -4.32 8.44 -1.57
C ALA A 47 -2.87 8.17 -2.00
N CYS A 48 -2.62 6.96 -2.48
CA CYS A 48 -1.28 6.57 -2.91
C CYS A 48 -0.78 7.49 -4.02
N MET A 49 -1.70 7.94 -4.87
CA MET A 49 -1.35 8.82 -5.98
C MET A 49 -1.13 10.25 -5.49
N LYS A 50 -1.85 10.62 -4.44
CA LYS A 50 -1.73 11.96 -3.88
C LYS A 50 -0.66 12.03 -2.79
N ARG A 51 -0.02 10.90 -2.52
CA ARG A 51 1.02 10.85 -1.49
C ARG A 51 2.42 10.82 -2.09
N CYS A 52 2.66 9.89 -3.01
CA CYS A 52 3.97 9.75 -3.64
C CYS A 52 3.92 10.05 -5.14
N ALA A 53 2.75 9.92 -5.74
CA ALA A 53 2.60 10.17 -7.17
C ALA A 53 2.31 11.64 -7.45
N LYS A 54 2.04 12.41 -6.39
CA LYS A 54 1.76 13.82 -6.54
C LYS A 54 2.89 14.67 -5.96
N ALA A 55 3.19 14.44 -4.69
CA ALA A 55 4.26 15.17 -4.01
C ALA A 55 5.60 14.91 -4.66
N ILE A 1 11.15 11.74 2.80
CA ILE A 1 10.16 10.64 2.78
C ILE A 1 10.79 9.35 2.23
N ASP A 2 10.99 8.38 3.10
CA ASP A 2 11.58 7.10 2.71
C ASP A 2 10.56 5.97 2.77
N THR A 3 9.42 6.24 3.37
CA THR A 3 8.36 5.24 3.50
C THR A 3 8.02 4.61 2.14
N CYS A 4 8.26 5.37 1.07
CA CYS A 4 7.98 4.90 -0.28
C CYS A 4 9.01 3.86 -0.72
N ARG A 5 10.08 3.71 0.06
CA ARG A 5 11.13 2.75 -0.27
C ARG A 5 10.85 1.38 0.37
N LEU A 6 10.07 1.38 1.44
CA LEU A 6 9.73 0.14 2.12
C LEU A 6 8.31 -0.31 1.77
N PRO A 7 8.17 -1.37 0.95
CA PRO A 7 6.85 -1.87 0.54
C PRO A 7 6.06 -2.45 1.72
N SER A 8 4.75 -2.59 1.53
CA SER A 8 3.89 -3.12 2.57
C SER A 8 3.36 -4.50 2.19
N ASP A 9 2.93 -5.26 3.19
CA ASP A 9 2.39 -6.59 2.97
C ASP A 9 0.87 -6.59 3.07
N ARG A 10 0.23 -7.48 2.32
CA ARG A 10 -1.22 -7.57 2.32
C ARG A 10 -1.73 -8.54 3.38
N GLY A 11 -0.81 -9.15 4.12
CA GLY A 11 -1.20 -10.07 5.16
C GLY A 11 -2.21 -11.10 4.71
N ARG A 12 -1.74 -12.27 4.31
CA ARG A 12 -2.63 -13.34 3.87
C ARG A 12 -3.58 -13.74 5.00
N CYS A 13 -3.23 -13.35 6.23
CA CYS A 13 -4.02 -13.64 7.42
C CYS A 13 -5.52 -13.74 7.12
N LYS A 14 -6.21 -12.61 7.12
CA LYS A 14 -7.65 -12.58 6.86
C LYS A 14 -7.98 -11.94 5.51
N ALA A 15 -7.37 -12.47 4.45
CA ALA A 15 -7.61 -11.94 3.10
C ALA A 15 -9.10 -11.80 2.81
N SER A 16 -9.51 -10.62 2.35
CA SER A 16 -10.92 -10.38 2.05
C SER A 16 -11.12 -9.06 1.31
N PHE A 17 -10.34 -8.04 1.66
CA PHE A 17 -10.45 -6.73 1.03
C PHE A 17 -9.26 -6.46 0.12
N GLU A 18 -9.36 -5.39 -0.65
CA GLU A 18 -8.28 -5.02 -1.56
C GLU A 18 -7.67 -3.67 -1.16
N ARG A 19 -6.36 -3.53 -1.34
CA ARG A 19 -5.68 -2.30 -0.98
C ARG A 19 -4.59 -1.95 -1.99
N TRP A 20 -4.05 -0.74 -1.88
CA TRP A 20 -3.00 -0.27 -2.78
C TRP A 20 -1.72 0.06 -2.02
N TYR A 21 -0.59 -0.08 -2.71
CA TYR A 21 0.71 0.19 -2.11
C TYR A 21 1.61 0.93 -3.09
N PHE A 22 2.61 1.64 -2.57
CA PHE A 22 3.54 2.38 -3.42
C PHE A 22 4.71 1.50 -3.85
N ASN A 23 4.73 1.13 -5.13
CA ASN A 23 5.79 0.29 -5.66
C ASN A 23 6.95 1.14 -6.18
N GLY A 24 7.44 2.04 -5.32
CA GLY A 24 8.54 2.90 -5.70
C GLY A 24 8.15 3.93 -6.73
N ARG A 25 7.80 3.47 -7.92
CA ARG A 25 7.42 4.37 -9.01
C ARG A 25 5.91 4.30 -9.27
N THR A 26 5.39 3.07 -9.34
CA THR A 26 3.96 2.87 -9.60
C THR A 26 3.28 2.25 -8.39
N CYS A 27 1.95 2.37 -8.34
CA CYS A 27 1.16 1.82 -7.23
C CYS A 27 0.53 0.49 -7.63
N ALA A 28 0.93 -0.57 -6.92
CA ALA A 28 0.41 -1.90 -7.18
C ALA A 28 -0.83 -2.17 -6.32
N LYS A 29 -1.45 -3.34 -6.50
CA LYS A 29 -2.66 -3.68 -5.77
C LYS A 29 -2.67 -5.14 -5.34
N PHE A 30 -3.27 -5.41 -4.18
CA PHE A 30 -3.36 -6.75 -3.64
C PHE A 30 -4.53 -6.85 -2.65
N ILE A 31 -4.78 -8.05 -2.15
CA ILE A 31 -5.85 -8.26 -1.20
C ILE A 31 -5.35 -8.11 0.23
N TYR A 32 -5.86 -7.11 0.94
CA TYR A 32 -5.43 -6.86 2.31
C TYR A 32 -6.27 -7.64 3.29
N GLY A 33 -5.68 -8.68 3.88
CA GLY A 33 -6.37 -9.51 4.83
C GLY A 33 -6.43 -8.92 6.22
N GLY A 34 -5.43 -8.12 6.57
CA GLY A 34 -5.40 -7.51 7.88
C GLY A 34 -3.99 -7.26 8.40
N CYS A 35 -3.00 -7.86 7.76
CA CYS A 35 -1.61 -7.68 8.17
C CYS A 35 -0.84 -6.85 7.15
N GLY A 36 -0.84 -5.54 7.36
CA GLY A 36 -0.16 -4.63 6.46
C GLY A 36 1.35 -4.76 6.49
N GLY A 37 2.02 -3.62 6.62
CA GLY A 37 3.47 -3.60 6.68
C GLY A 37 4.02 -2.49 7.54
N ASN A 38 3.68 -1.25 7.20
CA ASN A 38 4.14 -0.09 7.95
C ASN A 38 3.43 1.18 7.50
N GLY A 39 3.93 1.81 6.44
CA GLY A 39 3.33 3.04 5.95
C GLY A 39 3.16 3.06 4.44
N ASN A 40 3.55 1.99 3.77
CA ASN A 40 3.44 1.90 2.31
C ASN A 40 2.09 1.32 1.89
N LYS A 41 1.24 0.99 2.86
CA LYS A 41 -0.07 0.44 2.57
C LYS A 41 -1.12 1.54 2.44
N PHE A 42 -2.08 1.33 1.53
CA PHE A 42 -3.13 2.32 1.30
C PHE A 42 -4.43 1.62 0.87
N PRO A 43 -5.58 2.28 1.07
CA PRO A 43 -6.88 1.72 0.71
C PRO A 43 -7.16 1.79 -0.79
N THR A 44 -6.87 2.94 -1.39
CA THR A 44 -7.10 3.13 -2.82
C THR A 44 -5.81 3.54 -3.53
N GLN A 45 -5.87 3.62 -4.86
CA GLN A 45 -4.70 4.00 -5.66
C GLN A 45 -4.46 5.50 -5.57
N GLU A 46 -5.53 6.26 -5.41
CA GLU A 46 -5.43 7.71 -5.32
C GLU A 46 -4.75 8.12 -4.01
N ALA A 47 -4.95 7.32 -2.97
CA ALA A 47 -4.36 7.59 -1.67
C ALA A 47 -2.84 7.46 -1.71
N CYS A 48 -2.37 6.30 -2.16
CA CYS A 48 -0.93 6.05 -2.25
C CYS A 48 -0.25 7.07 -3.14
N MET A 49 -0.99 7.57 -4.13
CA MET A 49 -0.43 8.57 -5.06
C MET A 49 -0.57 9.98 -4.51
N LYS A 50 -1.63 10.21 -3.73
CA LYS A 50 -1.87 11.53 -3.15
C LYS A 50 -1.20 11.68 -1.78
N ARG A 51 -0.51 10.63 -1.33
CA ARG A 51 0.14 10.67 -0.03
C ARG A 51 1.66 10.72 -0.16
N CYS A 52 2.21 9.98 -1.13
CA CYS A 52 3.65 9.95 -1.34
C CYS A 52 4.05 10.55 -2.68
N ALA A 53 3.14 10.50 -3.66
CA ALA A 53 3.43 11.04 -4.97
C ALA A 53 3.15 12.54 -5.03
N LYS A 54 2.24 13.00 -4.17
CA LYS A 54 1.88 14.42 -4.12
C LYS A 54 2.81 15.18 -3.18
N ALA A 55 2.67 14.93 -1.89
CA ALA A 55 3.50 15.60 -0.89
C ALA A 55 4.92 15.04 -0.87
N ILE A 1 9.23 10.31 1.17
CA ILE A 1 9.90 9.55 0.07
C ILE A 1 10.43 8.21 0.58
N ASP A 2 10.75 8.16 1.87
CA ASP A 2 11.28 6.94 2.47
C ASP A 2 10.17 5.90 2.71
N THR A 3 8.92 6.33 2.56
CA THR A 3 7.79 5.44 2.75
C THR A 3 7.40 4.76 1.43
N CYS A 4 7.62 5.47 0.33
CA CYS A 4 7.29 4.94 -0.99
C CYS A 4 8.33 3.92 -1.47
N ARG A 5 9.38 3.71 -0.67
CA ARG A 5 10.42 2.77 -1.03
C ARG A 5 10.31 1.48 -0.22
N LEU A 6 9.52 1.50 0.85
CA LEU A 6 9.35 0.32 1.69
C LEU A 6 8.04 -0.40 1.36
N PRO A 7 8.08 -1.74 1.23
CA PRO A 7 6.90 -2.53 0.91
C PRO A 7 6.01 -2.76 2.13
N SER A 8 4.74 -3.06 1.88
CA SER A 8 3.78 -3.31 2.95
C SER A 8 3.38 -4.78 3.00
N ASP A 9 3.05 -5.27 4.19
CA ASP A 9 2.64 -6.65 4.36
C ASP A 9 1.13 -6.79 4.21
N ARG A 10 0.71 -7.91 3.61
CA ARG A 10 -0.72 -8.15 3.39
C ARG A 10 -1.36 -8.89 4.55
N GLY A 11 -0.56 -9.34 5.50
CA GLY A 11 -1.11 -10.07 6.64
C GLY A 11 -2.06 -11.17 6.21
N ARG A 12 -1.51 -12.35 5.94
CA ARG A 12 -2.31 -13.49 5.51
C ARG A 12 -3.62 -13.60 6.29
N CYS A 13 -3.55 -13.26 7.58
CA CYS A 13 -4.72 -13.30 8.47
C CYS A 13 -5.99 -13.34 7.65
N LYS A 14 -6.86 -14.32 7.94
CA LYS A 14 -8.12 -14.49 7.19
C LYS A 14 -8.65 -13.17 6.65
N ALA A 15 -8.05 -12.74 5.54
CA ALA A 15 -8.42 -11.48 4.91
C ALA A 15 -9.17 -11.69 3.60
N SER A 16 -9.69 -10.59 3.06
CA SER A 16 -10.44 -10.62 1.81
C SER A 16 -10.70 -9.21 1.31
N PHE A 17 -9.75 -8.31 1.56
CA PHE A 17 -9.88 -6.91 1.13
C PHE A 17 -8.68 -6.47 0.31
N GLU A 18 -8.94 -6.10 -0.94
CA GLU A 18 -7.87 -5.64 -1.83
C GLU A 18 -7.59 -4.16 -1.60
N ARG A 19 -6.31 -3.83 -1.44
CA ARG A 19 -5.91 -2.45 -1.21
C ARG A 19 -4.77 -2.04 -2.13
N TRP A 20 -4.40 -0.76 -2.07
CA TRP A 20 -3.33 -0.23 -2.91
C TRP A 20 -2.07 0.05 -2.10
N TYR A 21 -0.92 -0.04 -2.77
CA TYR A 21 0.37 0.19 -2.13
C TYR A 21 1.35 0.83 -3.12
N PHE A 22 2.35 1.51 -2.60
CA PHE A 22 3.35 2.15 -3.45
C PHE A 22 4.50 1.22 -3.75
N ASN A 23 4.89 1.14 -5.02
CA ASN A 23 5.98 0.28 -5.45
C ASN A 23 6.95 1.02 -6.35
N GLY A 24 7.86 1.78 -5.74
CA GLY A 24 8.84 2.53 -6.51
C GLY A 24 8.32 3.90 -6.91
N ARG A 25 7.62 3.95 -8.04
CA ARG A 25 7.08 5.21 -8.54
C ARG A 25 5.62 5.07 -8.97
N THR A 26 5.05 3.88 -8.82
CA THR A 26 3.67 3.63 -9.20
C THR A 26 2.92 2.87 -8.10
N CYS A 27 1.61 2.77 -8.25
CA CYS A 27 0.78 2.07 -7.28
C CYS A 27 0.65 0.59 -7.66
N ALA A 28 0.01 -0.18 -6.78
CA ALA A 28 -0.17 -1.61 -7.02
C ALA A 28 -1.45 -2.13 -6.36
N LYS A 29 -1.76 -3.41 -6.59
CA LYS A 29 -2.97 -4.01 -6.03
C LYS A 29 -2.70 -5.42 -5.49
N PHE A 30 -3.26 -5.72 -4.31
CA PHE A 30 -3.07 -7.00 -3.68
C PHE A 30 -4.12 -7.23 -2.58
N ILE A 31 -4.11 -8.42 -1.98
CA ILE A 31 -5.08 -8.75 -0.93
C ILE A 31 -4.57 -8.34 0.45
N TYR A 32 -5.08 -7.23 0.97
CA TYR A 32 -4.67 -6.74 2.28
C TYR A 32 -5.54 -7.31 3.39
N GLY A 33 -4.91 -7.62 4.52
CA GLY A 33 -5.62 -8.17 5.65
C GLY A 33 -5.58 -7.25 6.87
N GLY A 34 -4.45 -6.57 7.03
CA GLY A 34 -4.31 -5.66 8.16
C GLY A 34 -3.13 -6.02 9.06
N CYS A 35 -2.49 -7.15 8.77
CA CYS A 35 -1.34 -7.59 9.57
C CYS A 35 -0.04 -7.33 8.83
N GLY A 36 0.66 -6.26 9.23
CA GLY A 36 1.92 -5.92 8.60
C GLY A 36 1.80 -4.72 7.67
N GLY A 37 1.91 -3.52 8.25
CA GLY A 37 1.81 -2.31 7.45
C GLY A 37 2.29 -1.09 8.20
N ASN A 38 2.75 -0.08 7.47
CA ASN A 38 3.24 1.16 8.09
C ASN A 38 2.76 2.39 7.32
N GLY A 39 3.47 2.73 6.26
CA GLY A 39 3.09 3.89 5.45
C GLY A 39 3.00 3.57 3.97
N ASN A 40 3.27 2.32 3.60
CA ASN A 40 3.21 1.90 2.20
C ASN A 40 1.81 1.42 1.82
N LYS A 41 1.09 0.91 2.82
CA LYS A 41 -0.26 0.40 2.59
C LYS A 41 -1.25 1.55 2.40
N PHE A 42 -2.21 1.35 1.50
CA PHE A 42 -3.22 2.36 1.22
C PHE A 42 -4.53 1.71 0.75
N PRO A 43 -5.68 2.20 1.24
CA PRO A 43 -6.98 1.64 0.85
C PRO A 43 -7.32 1.89 -0.61
N THR A 44 -7.08 3.11 -1.08
CA THR A 44 -7.36 3.48 -2.46
C THR A 44 -6.11 4.00 -3.15
N GLN A 45 -6.07 3.85 -4.47
CA GLN A 45 -4.93 4.32 -5.27
C GLN A 45 -4.74 5.82 -5.10
N GLU A 46 -5.83 6.53 -4.84
CA GLU A 46 -5.78 7.98 -4.66
C GLU A 46 -4.92 8.34 -3.46
N ALA A 47 -4.86 7.44 -2.48
CA ALA A 47 -4.08 7.65 -1.28
C ALA A 47 -2.58 7.54 -1.56
N CYS A 48 -2.20 6.54 -2.35
CA CYS A 48 -0.80 6.32 -2.69
C CYS A 48 -0.28 7.43 -3.59
N MET A 49 -1.16 7.95 -4.46
CA MET A 49 -0.78 9.01 -5.39
C MET A 49 -0.91 10.39 -4.73
N LYS A 50 -1.69 10.46 -3.66
CA LYS A 50 -1.90 11.73 -2.96
C LYS A 50 -0.79 11.99 -1.95
N ARG A 51 0.02 10.97 -1.66
CA ARG A 51 1.10 11.12 -0.70
C ARG A 51 2.47 11.16 -1.39
N CYS A 52 2.55 10.54 -2.57
CA CYS A 52 3.81 10.52 -3.32
C CYS A 52 3.72 11.36 -4.59
N ALA A 53 2.53 11.42 -5.18
CA ALA A 53 2.32 12.18 -6.41
C ALA A 53 1.83 13.59 -6.11
N LYS A 54 0.80 13.69 -5.28
CA LYS A 54 0.23 14.98 -4.92
C LYS A 54 1.15 15.73 -3.95
N ALA A 55 1.47 15.08 -2.84
CA ALA A 55 2.34 15.68 -1.83
C ALA A 55 3.79 15.69 -2.29
N ILE A 1 10.59 11.10 0.82
CA ILE A 1 9.79 10.06 1.52
C ILE A 1 10.43 8.68 1.37
N ASP A 2 10.49 7.94 2.47
CA ASP A 2 11.07 6.60 2.46
C ASP A 2 10.00 5.53 2.64
N THR A 3 8.92 5.89 3.34
CA THR A 3 7.83 4.96 3.59
C THR A 3 7.27 4.39 2.29
N CYS A 4 7.41 5.15 1.20
CA CYS A 4 6.91 4.72 -0.10
C CYS A 4 7.86 3.71 -0.76
N ARG A 5 8.95 3.36 -0.08
CA ARG A 5 9.91 2.41 -0.62
C ARG A 5 9.96 1.12 0.22
N LEU A 6 9.16 1.05 1.27
CA LEU A 6 9.14 -0.13 2.14
C LEU A 6 8.13 -1.16 1.64
N PRO A 7 8.58 -2.39 1.33
CA PRO A 7 7.70 -3.46 0.85
C PRO A 7 6.66 -3.87 1.90
N SER A 8 5.41 -3.50 1.64
CA SER A 8 4.32 -3.83 2.57
C SER A 8 3.74 -5.21 2.28
N ASP A 9 3.04 -5.79 3.25
CA ASP A 9 2.44 -7.12 3.09
C ASP A 9 0.92 -7.04 3.17
N ARG A 10 0.24 -8.06 2.65
CA ARG A 10 -1.22 -8.10 2.65
C ARG A 10 -1.78 -8.80 3.89
N GLY A 11 -0.92 -9.37 4.70
CA GLY A 11 -1.39 -10.06 5.89
C GLY A 11 -2.42 -11.13 5.58
N ARG A 12 -1.99 -12.39 5.59
CA ARG A 12 -2.89 -13.50 5.31
C ARG A 12 -3.98 -13.62 6.37
N CYS A 13 -3.83 -12.88 7.46
CA CYS A 13 -4.79 -12.90 8.57
C CYS A 13 -6.24 -12.95 8.06
N LYS A 14 -6.78 -11.80 7.69
CA LYS A 14 -8.16 -11.72 7.20
C LYS A 14 -8.20 -11.39 5.70
N ALA A 15 -7.57 -12.24 4.90
CA ALA A 15 -7.55 -12.03 3.45
C ALA A 15 -8.95 -11.90 2.89
N SER A 16 -9.39 -10.67 2.65
CA SER A 16 -10.72 -10.43 2.11
C SER A 16 -10.91 -8.96 1.69
N PHE A 17 -9.83 -8.32 1.26
CA PHE A 17 -9.89 -6.93 0.81
C PHE A 17 -8.77 -6.61 -0.17
N GLU A 18 -8.91 -5.49 -0.86
CA GLU A 18 -7.92 -5.05 -1.83
C GLU A 18 -7.33 -3.71 -1.43
N ARG A 19 -6.03 -3.56 -1.58
CA ARG A 19 -5.37 -2.31 -1.21
C ARG A 19 -4.25 -1.97 -2.18
N TRP A 20 -3.64 -0.80 -2.00
CA TRP A 20 -2.56 -0.35 -2.87
C TRP A 20 -1.26 -0.17 -2.09
N TYR A 21 -0.15 -0.27 -2.80
CA TYR A 21 1.18 -0.13 -2.20
C TYR A 21 2.14 0.54 -3.16
N PHE A 22 2.97 1.43 -2.64
CA PHE A 22 3.93 2.14 -3.48
C PHE A 22 5.12 1.25 -3.83
N ASN A 23 5.06 0.61 -4.99
CA ASN A 23 6.13 -0.27 -5.44
C ASN A 23 7.23 0.53 -6.13
N GLY A 24 8.13 1.11 -5.34
CA GLY A 24 9.21 1.89 -5.89
C GLY A 24 8.78 3.29 -6.27
N ARG A 25 7.71 3.38 -7.04
CA ARG A 25 7.19 4.68 -7.47
C ARG A 25 5.74 4.56 -7.96
N THR A 26 5.40 3.42 -8.55
CA THR A 26 4.05 3.19 -9.05
C THR A 26 3.16 2.57 -7.97
N CYS A 27 1.84 2.67 -8.19
CA CYS A 27 0.88 2.13 -7.25
C CYS A 27 0.39 0.75 -7.70
N ALA A 28 0.76 -0.27 -6.93
CA ALA A 28 0.39 -1.66 -7.25
C ALA A 28 -0.89 -2.06 -6.49
N LYS A 29 -1.37 -3.28 -6.76
CA LYS A 29 -2.59 -3.77 -6.11
C LYS A 29 -2.47 -5.24 -5.72
N PHE A 30 -3.00 -5.57 -4.55
CA PHE A 30 -2.95 -6.93 -4.03
C PHE A 30 -4.12 -7.20 -3.09
N ILE A 31 -4.24 -8.44 -2.62
CA ILE A 31 -5.32 -8.79 -1.71
C ILE A 31 -4.89 -8.57 -0.27
N TYR A 32 -5.33 -7.46 0.30
CA TYR A 32 -4.97 -7.11 1.68
C TYR A 32 -5.97 -7.69 2.67
N GLY A 33 -5.48 -8.56 3.54
CA GLY A 33 -6.33 -9.19 4.53
C GLY A 33 -6.51 -8.34 5.76
N GLY A 34 -5.43 -7.72 6.23
CA GLY A 34 -5.52 -6.89 7.41
C GLY A 34 -4.19 -6.73 8.15
N CYS A 35 -3.23 -7.60 7.84
CA CYS A 35 -1.93 -7.54 8.49
C CYS A 35 -0.84 -7.07 7.52
N GLY A 36 -0.60 -5.77 7.51
CA GLY A 36 0.42 -5.21 6.62
C GLY A 36 1.73 -5.00 7.34
N GLY A 37 1.67 -4.39 8.51
CA GLY A 37 2.88 -4.15 9.30
C GLY A 37 3.83 -3.22 8.59
N ASN A 38 3.30 -2.14 8.03
CA ASN A 38 4.14 -1.19 7.32
C ASN A 38 3.36 0.09 6.97
N GLY A 39 4.10 1.11 6.57
CA GLY A 39 3.51 2.38 6.20
C GLY A 39 3.38 2.58 4.71
N ASN A 40 3.77 1.58 3.93
CA ASN A 40 3.73 1.67 2.47
C ASN A 40 2.37 1.23 1.91
N LYS A 41 1.52 0.65 2.77
CA LYS A 41 0.19 0.22 2.34
C LYS A 41 -0.71 1.40 2.06
N PHE A 42 -1.84 1.13 1.38
CA PHE A 42 -2.81 2.16 1.04
C PHE A 42 -4.16 1.52 0.74
N PRO A 43 -5.27 2.21 1.11
CA PRO A 43 -6.62 1.69 0.87
C PRO A 43 -7.04 1.79 -0.59
N THR A 44 -6.77 2.94 -1.20
CA THR A 44 -7.12 3.17 -2.60
C THR A 44 -5.95 3.76 -3.39
N GLN A 45 -6.06 3.71 -4.71
CA GLN A 45 -5.02 4.25 -5.58
C GLN A 45 -4.86 5.75 -5.40
N GLU A 46 -6.00 6.43 -5.16
CA GLU A 46 -5.98 7.87 -4.98
C GLU A 46 -5.27 8.25 -3.68
N ALA A 47 -5.22 7.31 -2.74
CA ALA A 47 -4.58 7.54 -1.46
C ALA A 47 -3.06 7.63 -1.60
N CYS A 48 -2.51 6.78 -2.47
CA CYS A 48 -1.07 6.76 -2.69
C CYS A 48 -0.63 7.93 -3.58
N MET A 49 -1.39 8.19 -4.63
CA MET A 49 -1.08 9.27 -5.55
C MET A 49 -1.13 10.63 -4.84
N LYS A 50 -2.04 10.75 -3.88
CA LYS A 50 -2.20 12.00 -3.13
C LYS A 50 -1.32 12.03 -1.88
N ARG A 51 -0.64 10.92 -1.60
CA ARG A 51 0.22 10.84 -0.43
C ARG A 51 1.70 10.91 -0.80
N CYS A 52 2.04 10.42 -1.99
CA CYS A 52 3.42 10.42 -2.45
C CYS A 52 3.58 11.14 -3.79
N ALA A 53 2.56 11.07 -4.63
CA ALA A 53 2.61 11.72 -5.93
C ALA A 53 2.17 13.17 -5.85
N LYS A 54 1.31 13.47 -4.88
CA LYS A 54 0.81 14.83 -4.71
C LYS A 54 1.41 15.48 -3.47
N ALA A 55 1.73 14.66 -2.47
CA ALA A 55 2.31 15.15 -1.22
C ALA A 55 3.82 15.35 -1.37
N ILE A 1 10.54 11.38 0.66
CA ILE A 1 9.76 10.30 1.32
C ILE A 1 10.59 9.02 1.42
N ASP A 2 10.45 8.32 2.54
CA ASP A 2 11.18 7.08 2.76
C ASP A 2 10.26 5.88 2.67
N THR A 3 9.04 6.02 3.20
CA THR A 3 8.07 4.95 3.18
C THR A 3 7.78 4.49 1.76
N CYS A 4 7.96 5.39 0.80
CA CYS A 4 7.73 5.07 -0.61
C CYS A 4 8.80 4.12 -1.15
N ARG A 5 9.86 3.90 -0.38
CA ARG A 5 10.95 3.02 -0.79
C ARG A 5 10.74 1.60 -0.28
N LEU A 6 9.94 1.45 0.78
CA LEU A 6 9.68 0.14 1.36
C LEU A 6 8.28 -0.36 0.97
N PRO A 7 8.15 -1.67 0.70
CA PRO A 7 6.88 -2.28 0.32
C PRO A 7 6.00 -2.61 1.52
N SER A 8 4.70 -2.77 1.27
CA SER A 8 3.75 -3.09 2.33
C SER A 8 3.23 -4.52 2.19
N ASP A 9 2.86 -5.12 3.32
CA ASP A 9 2.35 -6.49 3.31
C ASP A 9 0.83 -6.50 3.32
N ARG A 10 0.24 -7.47 2.61
CA ARG A 10 -1.20 -7.59 2.53
C ARG A 10 -1.74 -8.49 3.63
N GLY A 11 -0.87 -9.03 4.46
CA GLY A 11 -1.29 -9.89 5.54
C GLY A 11 -2.26 -10.98 5.08
N ARG A 12 -1.72 -12.16 4.79
CA ARG A 12 -2.54 -13.28 4.34
C ARG A 12 -3.59 -13.64 5.39
N CYS A 13 -3.38 -13.17 6.63
CA CYS A 13 -4.29 -13.43 7.74
C CYS A 13 -5.76 -13.45 7.28
N LYS A 14 -6.41 -12.29 7.25
CA LYS A 14 -7.80 -12.20 6.84
C LYS A 14 -7.93 -11.50 5.49
N ALA A 15 -7.06 -11.85 4.55
CA ALA A 15 -7.08 -11.26 3.22
C ALA A 15 -8.49 -11.24 2.63
N SER A 16 -9.13 -10.07 2.68
CA SER A 16 -10.49 -9.93 2.17
C SER A 16 -10.75 -8.54 1.56
N PHE A 17 -10.01 -7.54 2.02
CA PHE A 17 -10.19 -6.17 1.53
C PHE A 17 -9.04 -5.76 0.62
N GLU A 18 -9.36 -5.44 -0.63
CA GLU A 18 -8.35 -5.03 -1.60
C GLU A 18 -7.81 -3.64 -1.26
N ARG A 19 -6.49 -3.51 -1.23
CA ARG A 19 -5.84 -2.25 -0.92
C ARG A 19 -4.72 -1.94 -1.91
N TRP A 20 -4.13 -0.75 -1.79
CA TRP A 20 -3.06 -0.34 -2.68
C TRP A 20 -1.76 -0.08 -1.91
N TYR A 21 -0.65 -0.04 -2.64
CA TYR A 21 0.66 0.20 -2.05
C TYR A 21 1.58 0.87 -3.07
N PHE A 22 2.73 1.36 -2.61
CA PHE A 22 3.68 2.01 -3.49
C PHE A 22 4.81 1.06 -3.88
N ASN A 23 4.67 0.42 -5.04
CA ASN A 23 5.67 -0.51 -5.54
C ASN A 23 6.79 0.24 -6.26
N GLY A 24 7.51 1.06 -5.52
CA GLY A 24 8.60 1.83 -6.11
C GLY A 24 8.11 3.06 -6.85
N ARG A 25 7.69 2.87 -8.10
CA ARG A 25 7.20 3.98 -8.90
C ARG A 25 5.73 3.81 -9.25
N THR A 26 5.29 2.55 -9.36
CA THR A 26 3.89 2.27 -9.68
C THR A 26 3.13 1.77 -8.46
N CYS A 27 1.85 2.15 -8.38
CA CYS A 27 1.01 1.76 -7.26
C CYS A 27 0.28 0.44 -7.57
N ALA A 28 0.71 -0.63 -6.90
CA ALA A 28 0.11 -1.94 -7.10
C ALA A 28 -1.04 -2.16 -6.11
N LYS A 29 -1.72 -3.30 -6.23
CA LYS A 29 -2.85 -3.60 -5.37
C LYS A 29 -2.92 -5.08 -5.00
N PHE A 30 -3.48 -5.36 -3.82
CA PHE A 30 -3.61 -6.72 -3.33
C PHE A 30 -4.70 -6.79 -2.25
N ILE A 31 -4.99 -7.99 -1.77
CA ILE A 31 -6.00 -8.16 -0.74
C ILE A 31 -5.39 -8.03 0.64
N TYR A 32 -5.69 -6.92 1.31
CA TYR A 32 -5.15 -6.66 2.63
C TYR A 32 -6.05 -7.24 3.72
N GLY A 33 -5.57 -8.30 4.36
CA GLY A 33 -6.34 -8.95 5.41
C GLY A 33 -6.26 -8.17 6.71
N GLY A 34 -5.18 -7.42 6.89
CA GLY A 34 -5.02 -6.64 8.11
C GLY A 34 -3.61 -6.72 8.69
N CYS A 35 -2.75 -7.54 8.10
CA CYS A 35 -1.39 -7.68 8.58
C CYS A 35 -0.39 -7.08 7.59
N GLY A 36 -0.23 -5.76 7.64
CA GLY A 36 0.69 -5.09 6.74
C GLY A 36 2.02 -4.80 7.38
N GLY A 37 2.00 -4.14 8.52
CA GLY A 37 3.23 -3.81 9.23
C GLY A 37 4.12 -2.90 8.42
N ASN A 38 3.52 -1.88 7.80
CA ASN A 38 4.29 -0.93 7.00
C ASN A 38 3.45 0.27 6.62
N GLY A 39 4.12 1.39 6.38
CA GLY A 39 3.45 2.63 6.00
C GLY A 39 3.24 2.74 4.50
N ASN A 40 3.66 1.71 3.76
CA ASN A 40 3.55 1.71 2.31
C ASN A 40 2.21 1.13 1.86
N LYS A 41 1.37 0.73 2.82
CA LYS A 41 0.06 0.17 2.49
C LYS A 41 -1.02 1.24 2.53
N PHE A 42 -1.63 1.50 1.38
CA PHE A 42 -2.69 2.51 1.28
C PHE A 42 -4.02 1.85 0.93
N PRO A 43 -5.15 2.50 1.28
CA PRO A 43 -6.49 1.98 1.01
C PRO A 43 -6.84 1.98 -0.48
N THR A 44 -6.75 3.14 -1.10
CA THR A 44 -7.07 3.28 -2.52
C THR A 44 -5.85 3.74 -3.31
N GLN A 45 -5.96 3.70 -4.63
CA GLN A 45 -4.86 4.11 -5.51
C GLN A 45 -4.63 5.62 -5.40
N GLU A 46 -5.69 6.36 -5.09
CA GLU A 46 -5.62 7.81 -4.97
C GLU A 46 -4.83 8.20 -3.71
N ALA A 47 -4.86 7.33 -2.71
CA ALA A 47 -4.17 7.58 -1.45
C ALA A 47 -2.66 7.55 -1.64
N CYS A 48 -2.16 6.49 -2.27
CA CYS A 48 -0.73 6.36 -2.51
C CYS A 48 -0.19 7.51 -3.35
N MET A 49 -0.95 7.89 -4.37
CA MET A 49 -0.55 8.98 -5.26
C MET A 49 -0.76 10.34 -4.59
N LYS A 50 -1.69 10.39 -3.63
CA LYS A 50 -1.99 11.63 -2.93
C LYS A 50 -1.12 11.79 -1.69
N ARG A 51 -0.45 10.72 -1.28
CA ARG A 51 0.40 10.76 -0.09
C ARG A 51 1.89 10.69 -0.45
N CYS A 52 2.19 10.22 -1.67
CA CYS A 52 3.58 10.10 -2.10
C CYS A 52 3.86 10.97 -3.32
N ALA A 53 2.87 11.09 -4.21
CA ALA A 53 3.02 11.89 -5.41
C ALA A 53 2.74 13.36 -5.13
N LYS A 54 1.93 13.63 -4.12
CA LYS A 54 1.58 15.00 -3.75
C LYS A 54 2.43 15.48 -2.59
N ALA A 55 2.72 14.58 -1.65
CA ALA A 55 3.53 14.92 -0.49
C ALA A 55 4.93 14.33 -0.60
N ILE A 1 11.38 10.74 0.03
CA ILE A 1 10.41 9.78 0.60
C ILE A 1 11.08 8.47 0.97
N ASP A 2 10.68 7.90 2.11
CA ASP A 2 11.24 6.64 2.58
C ASP A 2 10.23 5.50 2.46
N THR A 3 8.98 5.81 2.81
CA THR A 3 7.90 4.82 2.75
C THR A 3 7.83 4.17 1.37
N CYS A 4 8.02 4.98 0.33
CA CYS A 4 7.97 4.49 -1.04
C CYS A 4 9.04 3.42 -1.28
N ARG A 5 10.05 3.37 -0.42
CA ARG A 5 11.12 2.40 -0.56
C ARG A 5 10.80 1.12 0.19
N LEU A 6 10.15 1.25 1.35
CA LEU A 6 9.79 0.09 2.16
C LEU A 6 8.39 -0.41 1.78
N PRO A 7 8.30 -1.58 1.13
CA PRO A 7 7.01 -2.15 0.73
C PRO A 7 6.17 -2.60 1.92
N SER A 8 4.86 -2.66 1.71
CA SER A 8 3.93 -3.07 2.76
C SER A 8 3.35 -4.44 2.47
N ASP A 9 3.03 -5.19 3.52
CA ASP A 9 2.45 -6.52 3.37
C ASP A 9 0.93 -6.45 3.43
N ARG A 10 0.27 -7.30 2.66
CA ARG A 10 -1.19 -7.33 2.64
C ARG A 10 -1.74 -8.30 3.67
N GLY A 11 -0.85 -8.96 4.40
CA GLY A 11 -1.28 -9.90 5.42
C GLY A 11 -2.21 -10.96 4.89
N ARG A 12 -1.69 -12.16 4.65
CA ARG A 12 -2.50 -13.26 4.15
C ARG A 12 -3.48 -13.75 5.22
N CYS A 13 -3.29 -13.27 6.45
CA CYS A 13 -4.15 -13.65 7.58
C CYS A 13 -5.62 -13.77 7.16
N LYS A 14 -6.33 -12.64 7.11
CA LYS A 14 -7.74 -12.64 6.73
C LYS A 14 -7.93 -12.00 5.36
N ALA A 15 -7.14 -12.42 4.39
CA ALA A 15 -7.23 -11.90 3.03
C ALA A 15 -8.66 -11.90 2.53
N SER A 16 -9.30 -10.73 2.54
CA SER A 16 -10.67 -10.59 2.08
C SER A 16 -10.96 -9.17 1.62
N PHE A 17 -9.92 -8.46 1.21
CA PHE A 17 -10.06 -7.08 0.74
C PHE A 17 -8.91 -6.70 -0.18
N GLU A 18 -9.05 -5.58 -0.87
CA GLU A 18 -8.01 -5.10 -1.79
C GLU A 18 -7.53 -3.72 -1.36
N ARG A 19 -6.23 -3.59 -1.15
CA ARG A 19 -5.66 -2.31 -0.72
C ARG A 19 -4.65 -1.79 -1.75
N TRP A 20 -4.22 -0.54 -1.55
CA TRP A 20 -3.26 0.09 -2.44
C TRP A 20 -1.95 0.37 -1.72
N TYR A 21 -0.85 0.27 -2.45
CA TYR A 21 0.48 0.50 -1.87
C TYR A 21 1.40 1.16 -2.89
N PHE A 22 2.44 1.83 -2.41
CA PHE A 22 3.39 2.50 -3.30
C PHE A 22 4.30 1.49 -3.97
N ASN A 23 4.74 1.80 -5.18
CA ASN A 23 5.63 0.93 -5.93
C ASN A 23 6.74 1.73 -6.61
N GLY A 24 7.58 2.37 -5.79
CA GLY A 24 8.66 3.16 -6.33
C GLY A 24 8.19 4.48 -6.91
N ARG A 25 7.37 4.41 -7.95
CA ARG A 25 6.84 5.60 -8.60
C ARG A 25 5.32 5.51 -8.73
N THR A 26 4.82 4.33 -9.08
CA THR A 26 3.39 4.13 -9.24
C THR A 26 2.83 3.28 -8.09
N CYS A 27 1.50 3.19 -8.03
CA CYS A 27 0.83 2.42 -6.99
C CYS A 27 0.61 0.99 -7.43
N ALA A 28 0.13 0.16 -6.50
CA ALA A 28 -0.12 -1.25 -6.78
C ALA A 28 -1.39 -1.74 -6.07
N LYS A 29 -1.77 -2.99 -6.29
CA LYS A 29 -2.98 -3.55 -5.68
C LYS A 29 -2.79 -5.01 -5.31
N PHE A 30 -3.31 -5.40 -4.15
CA PHE A 30 -3.19 -6.76 -3.67
C PHE A 30 -4.31 -7.11 -2.68
N ILE A 31 -4.35 -8.35 -2.23
CA ILE A 31 -5.40 -8.79 -1.31
C ILE A 31 -4.97 -8.56 0.14
N TYR A 32 -5.58 -7.57 0.79
CA TYR A 32 -5.28 -7.24 2.17
C TYR A 32 -6.15 -8.03 3.13
N GLY A 33 -5.52 -8.72 4.06
CA GLY A 33 -6.24 -9.51 5.03
C GLY A 33 -6.36 -8.82 6.38
N GLY A 34 -5.41 -7.94 6.68
CA GLY A 34 -5.43 -7.23 7.95
C GLY A 34 -4.07 -7.12 8.59
N CYS A 35 -3.07 -7.79 8.02
CA CYS A 35 -1.71 -7.75 8.56
C CYS A 35 -0.78 -6.98 7.63
N GLY A 36 -0.56 -5.70 7.96
CA GLY A 36 0.31 -4.87 7.15
C GLY A 36 1.71 -4.76 7.71
N GLY A 37 1.83 -4.16 8.89
CA GLY A 37 3.12 -4.01 9.53
C GLY A 37 4.03 -3.06 8.78
N ASN A 38 3.46 -1.97 8.27
CA ASN A 38 4.25 -0.98 7.54
C ASN A 38 3.43 0.28 7.26
N GLY A 39 4.09 1.26 6.65
CA GLY A 39 3.44 2.52 6.34
C GLY A 39 3.24 2.71 4.85
N ASN A 40 3.64 1.71 4.06
CA ASN A 40 3.52 1.78 2.61
C ASN A 40 2.16 1.26 2.12
N LYS A 41 1.36 0.71 3.02
CA LYS A 41 0.04 0.20 2.66
C LYS A 41 -1.02 1.28 2.84
N PHE A 42 -2.13 1.15 2.11
CA PHE A 42 -3.22 2.12 2.20
C PHE A 42 -4.53 1.52 1.65
N PRO A 43 -5.68 2.10 2.03
CA PRO A 43 -7.00 1.61 1.60
C PRO A 43 -7.36 2.06 0.19
N THR A 44 -7.08 3.33 -0.14
CA THR A 44 -7.40 3.86 -1.46
C THR A 44 -6.13 4.30 -2.19
N GLN A 45 -6.21 4.26 -3.52
CA GLN A 45 -5.08 4.67 -4.35
C GLN A 45 -4.88 6.18 -4.31
N GLU A 46 -5.95 6.90 -3.99
CA GLU A 46 -5.89 8.36 -3.92
C GLU A 46 -4.89 8.81 -2.86
N ALA A 47 -4.73 8.00 -1.82
CA ALA A 47 -3.80 8.31 -0.74
C ALA A 47 -2.36 7.98 -1.14
N CYS A 48 -2.18 6.82 -1.76
CA CYS A 48 -0.85 6.39 -2.18
C CYS A 48 -0.30 7.30 -3.28
N MET A 49 -1.17 7.70 -4.20
CA MET A 49 -0.77 8.56 -5.30
C MET A 49 -0.48 9.97 -4.81
N LYS A 50 -1.32 10.48 -3.92
CA LYS A 50 -1.15 11.82 -3.37
C LYS A 50 -0.01 11.88 -2.36
N ARG A 51 0.55 10.73 -2.02
CA ARG A 51 1.64 10.68 -1.03
C ARG A 51 3.00 10.55 -1.71
N CYS A 52 3.06 9.86 -2.84
CA CYS A 52 4.31 9.65 -3.55
C CYS A 52 4.24 10.09 -5.01
N ALA A 53 3.02 10.26 -5.53
CA ALA A 53 2.85 10.66 -6.92
C ALA A 53 2.62 12.16 -7.03
N LYS A 54 1.64 12.66 -6.30
CA LYS A 54 1.32 14.09 -6.32
C LYS A 54 2.41 14.90 -5.62
N ALA A 55 3.08 14.28 -4.66
CA ALA A 55 4.14 14.94 -3.93
C ALA A 55 5.45 14.96 -4.72
N ILE A 1 11.78 10.34 2.20
CA ILE A 1 10.53 9.53 2.29
C ILE A 1 10.84 8.04 2.42
N ASP A 2 10.75 7.53 3.64
CA ASP A 2 11.02 6.12 3.89
C ASP A 2 9.78 5.26 3.62
N THR A 3 8.61 5.87 3.81
CA THR A 3 7.34 5.16 3.58
C THR A 3 7.27 4.63 2.15
N CYS A 4 7.51 5.50 1.18
CA CYS A 4 7.47 5.11 -0.23
C CYS A 4 8.64 4.18 -0.58
N ARG A 5 9.61 4.07 0.32
CA ARG A 5 10.76 3.21 0.09
C ARG A 5 10.51 1.80 0.61
N LEU A 6 9.70 1.68 1.65
CA LEU A 6 9.38 0.39 2.23
C LEU A 6 8.09 -0.17 1.64
N PRO A 7 8.12 -1.44 1.17
CA PRO A 7 6.94 -2.08 0.57
C PRO A 7 5.94 -2.54 1.62
N SER A 8 4.71 -2.79 1.19
CA SER A 8 3.66 -3.24 2.10
C SER A 8 3.53 -4.76 2.07
N ASP A 9 2.72 -5.30 2.97
CA ASP A 9 2.52 -6.74 3.06
C ASP A 9 1.13 -7.07 3.63
N ARG A 10 0.44 -8.00 2.98
CA ARG A 10 -0.89 -8.40 3.43
C ARG A 10 -0.82 -9.57 4.43
N GLY A 11 0.40 -10.01 4.73
CA GLY A 11 0.58 -11.10 5.67
C GLY A 11 -0.33 -12.29 5.38
N ARG A 12 -0.55 -13.12 6.39
CA ARG A 12 -1.41 -14.29 6.25
C ARG A 12 -2.85 -13.97 6.67
N CYS A 13 -2.98 -13.35 7.84
CA CYS A 13 -4.30 -12.97 8.39
C CYS A 13 -5.38 -13.03 7.33
N LYS A 14 -6.47 -13.74 7.63
CA LYS A 14 -7.59 -13.91 6.69
C LYS A 14 -7.74 -12.73 5.75
N ALA A 15 -6.83 -12.65 4.77
CA ALA A 15 -6.85 -11.56 3.80
C ALA A 15 -8.10 -11.59 2.94
N SER A 16 -8.82 -10.47 2.93
CA SER A 16 -10.05 -10.35 2.14
C SER A 16 -10.41 -8.90 1.89
N PHE A 17 -9.40 -8.03 1.90
CA PHE A 17 -9.61 -6.60 1.66
C PHE A 17 -8.58 -6.05 0.70
N GLU A 18 -8.98 -5.86 -0.56
CA GLU A 18 -8.08 -5.33 -1.58
C GLU A 18 -7.73 -3.87 -1.32
N ARG A 19 -6.49 -3.51 -1.60
CA ARG A 19 -6.03 -2.14 -1.40
C ARG A 19 -4.89 -1.79 -2.36
N TRP A 20 -4.47 -0.53 -2.35
CA TRP A 20 -3.38 -0.07 -3.22
C TRP A 20 -2.10 0.16 -2.43
N TYR A 21 -0.96 -0.03 -3.08
CA TYR A 21 0.34 0.16 -2.44
C TYR A 21 1.34 0.74 -3.43
N PHE A 22 2.32 1.49 -2.92
CA PHE A 22 3.33 2.09 -3.77
C PHE A 22 4.45 1.11 -4.08
N ASN A 23 4.61 0.79 -5.36
CA ASN A 23 5.64 -0.14 -5.80
C ASN A 23 6.73 0.59 -6.59
N GLY A 24 7.65 1.22 -5.86
CA GLY A 24 8.72 1.95 -6.51
C GLY A 24 8.29 3.31 -7.00
N ARG A 25 7.69 3.36 -8.17
CA ARG A 25 7.23 4.61 -8.75
C ARG A 25 5.73 4.58 -9.06
N THR A 26 5.21 3.38 -9.34
CA THR A 26 3.80 3.23 -9.66
C THR A 26 3.05 2.51 -8.53
N CYS A 27 1.73 2.46 -8.64
CA CYS A 27 0.90 1.82 -7.64
C CYS A 27 0.70 0.34 -7.97
N ALA A 28 0.05 -0.38 -7.07
CA ALA A 28 -0.20 -1.81 -7.25
C ALA A 28 -1.52 -2.23 -6.59
N LYS A 29 -1.90 -3.50 -6.76
CA LYS A 29 -3.15 -4.00 -6.19
C LYS A 29 -3.00 -5.42 -5.67
N PHE A 30 -3.57 -5.68 -4.50
CA PHE A 30 -3.53 -6.99 -3.88
C PHE A 30 -4.53 -7.08 -2.73
N ILE A 31 -4.66 -8.27 -2.13
CA ILE A 31 -5.59 -8.45 -1.04
C ILE A 31 -4.89 -8.23 0.31
N TYR A 32 -5.22 -7.12 0.96
CA TYR A 32 -4.62 -6.78 2.25
C TYR A 32 -5.43 -7.37 3.41
N GLY A 33 -4.76 -8.20 4.21
CA GLY A 33 -5.42 -8.80 5.34
C GLY A 33 -5.34 -7.95 6.59
N GLY A 34 -4.18 -7.34 6.83
CA GLY A 34 -4.01 -6.49 7.99
C GLY A 34 -2.62 -6.60 8.61
N CYS A 35 -1.91 -7.68 8.28
CA CYS A 35 -0.57 -7.90 8.80
C CYS A 35 0.48 -7.74 7.71
N GLY A 36 1.33 -6.73 7.87
CA GLY A 36 2.38 -6.48 6.88
C GLY A 36 2.34 -5.08 6.32
N GLY A 37 1.30 -4.32 6.68
CA GLY A 37 1.17 -2.95 6.19
C GLY A 37 1.52 -1.92 7.25
N ASN A 38 1.75 -0.69 6.81
CA ASN A 38 2.08 0.39 7.73
C ASN A 38 1.84 1.76 7.08
N GLY A 39 2.74 2.15 6.18
CA GLY A 39 2.60 3.42 5.49
C GLY A 39 2.64 3.28 3.99
N ASN A 40 2.94 2.07 3.50
CA ASN A 40 3.00 1.82 2.06
C ASN A 40 1.64 1.37 1.53
N LYS A 41 0.80 0.83 2.42
CA LYS A 41 -0.53 0.38 2.03
C LYS A 41 -1.53 1.52 2.05
N PHE A 42 -2.42 1.53 1.05
CA PHE A 42 -3.43 2.58 0.95
C PHE A 42 -4.76 1.99 0.48
N PRO A 43 -5.88 2.39 1.12
CA PRO A 43 -7.21 1.90 0.75
C PRO A 43 -7.53 2.09 -0.73
N THR A 44 -7.45 3.34 -1.19
CA THR A 44 -7.75 3.66 -2.59
C THR A 44 -6.51 4.19 -3.30
N GLN A 45 -6.49 4.03 -4.63
CA GLN A 45 -5.38 4.51 -5.44
C GLN A 45 -5.25 6.02 -5.34
N GLU A 46 -6.36 6.70 -5.07
CA GLU A 46 -6.36 8.15 -4.95
C GLU A 46 -5.30 8.61 -3.96
N ALA A 47 -5.15 7.86 -2.88
CA ALA A 47 -4.16 8.18 -1.85
C ALA A 47 -2.76 7.86 -2.34
N CYS A 48 -2.65 6.78 -3.12
CA CYS A 48 -1.36 6.36 -3.67
C CYS A 48 -0.67 7.50 -4.41
N MET A 49 -1.36 8.03 -5.43
CA MET A 49 -0.83 9.13 -6.23
C MET A 49 -0.53 10.34 -5.36
N LYS A 50 -1.50 10.71 -4.52
CA LYS A 50 -1.33 11.86 -3.63
C LYS A 50 -0.24 11.62 -2.60
N ARG A 51 0.17 10.36 -2.45
CA ARG A 51 1.21 10.00 -1.49
C ARG A 51 2.58 10.48 -1.96
N CYS A 52 3.05 9.95 -3.08
CA CYS A 52 4.35 10.32 -3.62
C CYS A 52 4.27 10.77 -5.07
N ALA A 53 3.10 10.63 -5.69
CA ALA A 53 2.91 11.02 -7.08
C ALA A 53 2.53 12.50 -7.19
N LYS A 54 1.91 13.03 -6.13
CA LYS A 54 1.50 14.41 -6.10
C LYS A 54 2.39 15.24 -5.18
N ALA A 55 2.92 14.59 -4.14
CA ALA A 55 3.79 15.26 -3.19
C ALA A 55 5.26 15.01 -3.53
N ILE A 1 9.87 10.23 -0.73
CA ILE A 1 10.30 8.92 -1.29
C ILE A 1 10.95 8.05 -0.21
N ASP A 2 10.51 8.23 1.02
CA ASP A 2 11.05 7.46 2.15
C ASP A 2 10.08 6.37 2.57
N THR A 3 8.81 6.74 2.74
CA THR A 3 7.78 5.80 3.14
C THR A 3 7.13 5.15 1.93
N CYS A 4 7.21 5.82 0.78
CA CYS A 4 6.63 5.31 -0.45
C CYS A 4 7.53 4.22 -1.07
N ARG A 5 8.76 4.12 -0.58
CA ARG A 5 9.69 3.12 -1.10
C ARG A 5 9.68 1.84 -0.25
N LEU A 6 8.86 1.82 0.79
CA LEU A 6 8.76 0.66 1.66
C LEU A 6 7.78 -0.37 1.11
N PRO A 7 8.07 -1.67 1.31
CA PRO A 7 7.21 -2.75 0.83
C PRO A 7 6.10 -3.10 1.82
N SER A 8 4.87 -2.79 1.46
CA SER A 8 3.72 -3.08 2.33
C SER A 8 3.24 -4.52 2.12
N ASP A 9 2.91 -5.19 3.22
CA ASP A 9 2.42 -6.57 3.14
C ASP A 9 0.90 -6.59 3.12
N ARG A 10 0.33 -7.61 2.47
CA ARG A 10 -1.11 -7.72 2.39
C ARG A 10 -1.68 -8.54 3.55
N GLY A 11 -0.79 -9.12 4.35
CA GLY A 11 -1.22 -9.91 5.48
C GLY A 11 -2.14 -11.05 5.09
N ARG A 12 -1.63 -12.27 5.16
CA ARG A 12 -2.42 -13.44 4.83
C ARG A 12 -3.48 -13.71 5.89
N CYS A 13 -3.41 -12.97 7.00
CA CYS A 13 -4.36 -13.14 8.10
C CYS A 13 -5.80 -13.24 7.59
N LYS A 14 -6.41 -12.11 7.28
CA LYS A 14 -7.78 -12.10 6.77
C LYS A 14 -7.82 -11.68 5.30
N ALA A 15 -6.82 -12.14 4.54
CA ALA A 15 -6.73 -11.82 3.12
C ALA A 15 -8.08 -11.91 2.42
N SER A 16 -8.74 -10.77 2.27
CA SER A 16 -10.05 -10.71 1.63
C SER A 16 -10.46 -9.27 1.28
N PHE A 17 -9.49 -8.37 1.21
CA PHE A 17 -9.78 -6.97 0.88
C PHE A 17 -8.64 -6.37 0.04
N GLU A 18 -8.96 -6.04 -1.21
CA GLU A 18 -7.98 -5.47 -2.12
C GLU A 18 -7.58 -4.05 -1.69
N ARG A 19 -6.29 -3.76 -1.77
CA ARG A 19 -5.78 -2.46 -1.39
C ARG A 19 -4.61 -2.03 -2.29
N TRP A 20 -4.13 -0.82 -2.11
CA TRP A 20 -3.02 -0.30 -2.91
C TRP A 20 -1.80 -0.03 -2.04
N TYR A 21 -0.62 -0.19 -2.65
CA TYR A 21 0.64 0.03 -1.94
C TYR A 21 1.68 0.62 -2.89
N PHE A 22 2.42 1.61 -2.40
CA PHE A 22 3.45 2.26 -3.21
C PHE A 22 4.66 1.35 -3.41
N ASN A 23 4.83 0.87 -4.63
CA ASN A 23 5.96 -0.01 -4.96
C ASN A 23 6.97 0.72 -5.83
N GLY A 24 7.82 1.53 -5.20
CA GLY A 24 8.83 2.26 -5.93
C GLY A 24 8.32 3.60 -6.45
N ARG A 25 7.69 3.58 -7.61
CA ARG A 25 7.16 4.79 -8.22
C ARG A 25 5.71 4.60 -8.69
N THR A 26 5.17 3.40 -8.49
CA THR A 26 3.80 3.11 -8.90
C THR A 26 3.02 2.44 -7.78
N CYS A 27 1.70 2.44 -7.90
CA CYS A 27 0.83 1.82 -6.89
C CYS A 27 0.42 0.41 -7.31
N ALA A 28 0.81 -0.57 -6.51
CA ALA A 28 0.51 -1.97 -6.78
C ALA A 28 -0.83 -2.38 -6.15
N LYS A 29 -1.25 -3.62 -6.39
CA LYS A 29 -2.53 -4.11 -5.86
C LYS A 29 -2.45 -5.57 -5.41
N PHE A 30 -3.08 -5.87 -4.29
CA PHE A 30 -3.09 -7.22 -3.74
C PHE A 30 -4.26 -7.39 -2.76
N ILE A 31 -4.43 -8.60 -2.24
CA ILE A 31 -5.50 -8.87 -1.29
C ILE A 31 -5.00 -8.62 0.12
N TYR A 32 -5.36 -7.48 0.67
CA TYR A 32 -4.95 -7.10 2.01
C TYR A 32 -5.94 -7.61 3.05
N GLY A 33 -5.47 -8.56 3.85
CA GLY A 33 -6.32 -9.13 4.88
C GLY A 33 -6.38 -8.25 6.11
N GLY A 34 -5.33 -7.46 6.33
CA GLY A 34 -5.30 -6.58 7.48
C GLY A 34 -3.95 -6.54 8.16
N CYS A 35 -3.02 -7.39 7.74
CA CYS A 35 -1.69 -7.44 8.33
C CYS A 35 -0.64 -6.93 7.35
N GLY A 36 -0.33 -5.64 7.42
CA GLY A 36 0.66 -5.05 6.53
C GLY A 36 1.99 -4.84 7.21
N GLY A 37 1.98 -4.08 8.31
CA GLY A 37 3.19 -3.80 9.04
C GLY A 37 4.05 -2.73 8.40
N ASN A 38 3.42 -1.86 7.60
CA ASN A 38 4.14 -0.79 6.93
C ASN A 38 3.28 0.47 6.86
N GLY A 39 3.85 1.54 6.31
CA GLY A 39 3.13 2.79 6.19
C GLY A 39 2.87 3.19 4.74
N ASN A 40 3.32 2.36 3.81
CA ASN A 40 3.13 2.63 2.38
C ASN A 40 1.83 2.03 1.86
N LYS A 41 1.09 1.34 2.74
CA LYS A 41 -0.17 0.72 2.35
C LYS A 41 -1.26 1.77 2.17
N PHE A 42 -2.30 1.43 1.42
CA PHE A 42 -3.41 2.34 1.17
C PHE A 42 -4.64 1.58 0.70
N PRO A 43 -5.85 2.11 0.99
CA PRO A 43 -7.11 1.48 0.59
C PRO A 43 -7.40 1.63 -0.90
N THR A 44 -7.25 2.84 -1.42
CA THR A 44 -7.50 3.11 -2.82
C THR A 44 -6.27 3.67 -3.51
N GLN A 45 -6.32 3.75 -4.84
CA GLN A 45 -5.20 4.26 -5.61
C GLN A 45 -5.09 5.77 -5.50
N GLU A 46 -6.23 6.42 -5.29
CA GLU A 46 -6.27 7.87 -5.17
C GLU A 46 -5.54 8.33 -3.91
N ALA A 47 -5.41 7.43 -2.93
CA ALA A 47 -4.74 7.75 -1.68
C ALA A 47 -3.23 7.70 -1.84
N CYS A 48 -2.72 6.60 -2.38
CA CYS A 48 -1.28 6.43 -2.58
C CYS A 48 -0.72 7.54 -3.47
N MET A 49 -1.51 7.94 -4.47
CA MET A 49 -1.08 9.00 -5.39
C MET A 49 -1.15 10.37 -4.71
N LYS A 50 -2.07 10.52 -3.76
CA LYS A 50 -2.23 11.78 -3.04
C LYS A 50 -1.35 11.84 -1.79
N ARG A 51 -0.96 10.68 -1.28
CA ARG A 51 -0.13 10.62 -0.09
C ARG A 51 1.35 10.48 -0.43
N CYS A 52 1.66 10.34 -1.72
CA CYS A 52 3.04 10.19 -2.15
C CYS A 52 3.35 11.02 -3.40
N ALA A 53 2.40 11.07 -4.32
CA ALA A 53 2.58 11.82 -5.56
C ALA A 53 2.18 13.28 -5.38
N LYS A 54 1.11 13.51 -4.62
CA LYS A 54 0.62 14.85 -4.38
C LYS A 54 1.48 15.57 -3.33
N ALA A 55 2.04 14.79 -2.41
CA ALA A 55 2.88 15.35 -1.36
C ALA A 55 4.36 15.20 -1.69
N ILE A 1 9.96 9.32 1.67
CA ILE A 1 10.68 8.69 0.53
C ILE A 1 11.08 7.26 0.84
N ASP A 2 11.27 6.97 2.13
CA ASP A 2 11.65 5.63 2.56
C ASP A 2 10.43 4.73 2.74
N THR A 3 9.27 5.36 3.01
CA THR A 3 8.03 4.62 3.20
C THR A 3 7.36 4.32 1.86
N CYS A 4 7.44 5.27 0.94
CA CYS A 4 6.85 5.11 -0.38
C CYS A 4 7.63 4.12 -1.23
N ARG A 5 8.78 3.67 -0.72
CA ARG A 5 9.62 2.72 -1.45
C ARG A 5 9.70 1.37 -0.74
N LEU A 6 9.27 1.32 0.52
CA LEU A 6 9.31 0.08 1.29
C LEU A 6 8.12 -0.82 0.93
N PRO A 7 8.35 -2.14 0.84
CA PRO A 7 7.29 -3.10 0.50
C PRO A 7 6.42 -3.45 1.71
N SER A 8 5.10 -3.28 1.54
CA SER A 8 4.16 -3.59 2.61
C SER A 8 3.66 -5.02 2.49
N ASP A 9 3.38 -5.66 3.64
CA ASP A 9 2.90 -7.03 3.67
C ASP A 9 1.37 -7.06 3.60
N ARG A 10 0.84 -8.12 3.01
CA ARG A 10 -0.61 -8.27 2.88
C ARG A 10 -1.21 -9.01 4.06
N GLY A 11 -0.39 -9.75 4.80
CA GLY A 11 -0.88 -10.48 5.94
C GLY A 11 -1.95 -11.50 5.57
N ARG A 12 -1.61 -12.77 5.65
CA ARG A 12 -2.54 -13.85 5.31
C ARG A 12 -3.59 -14.02 6.42
N CYS A 13 -3.45 -13.27 7.51
CA CYS A 13 -4.38 -13.35 8.63
C CYS A 13 -5.83 -13.26 8.15
N LYS A 14 -6.25 -12.06 7.78
CA LYS A 14 -7.61 -11.84 7.29
C LYS A 14 -7.63 -11.53 5.80
N ALA A 15 -6.76 -12.21 5.06
CA ALA A 15 -6.67 -12.00 3.61
C ALA A 15 -8.05 -12.05 2.95
N SER A 16 -8.65 -10.87 2.78
CA SER A 16 -9.97 -10.78 2.16
C SER A 16 -10.33 -9.33 1.87
N PHE A 17 -9.32 -8.51 1.55
CA PHE A 17 -9.56 -7.10 1.25
C PHE A 17 -8.44 -6.54 0.37
N GLU A 18 -8.81 -6.05 -0.81
CA GLU A 18 -7.84 -5.48 -1.73
C GLU A 18 -7.38 -4.10 -1.27
N ARG A 19 -6.12 -3.79 -1.50
CA ARG A 19 -5.56 -2.49 -1.09
C ARG A 19 -4.47 -2.05 -2.06
N TRP A 20 -4.15 -0.76 -2.02
CA TRP A 20 -3.11 -0.21 -2.90
C TRP A 20 -1.82 0.06 -2.12
N TYR A 21 -0.69 -0.11 -2.79
CA TYR A 21 0.61 0.10 -2.17
C TYR A 21 1.58 0.78 -3.14
N PHE A 22 2.54 1.51 -2.60
CA PHE A 22 3.53 2.20 -3.42
C PHE A 22 4.72 1.31 -3.72
N ASN A 23 4.95 1.05 -5.01
CA ASN A 23 6.07 0.21 -5.43
C ASN A 23 7.01 0.98 -6.35
N GLY A 24 8.01 1.63 -5.77
CA GLY A 24 8.97 2.38 -6.55
C GLY A 24 8.46 3.76 -6.90
N ARG A 25 7.70 3.84 -8.00
CA ARG A 25 7.16 5.12 -8.45
C ARG A 25 5.66 5.03 -8.72
N THR A 26 5.17 3.81 -8.98
CA THR A 26 3.76 3.60 -9.26
C THR A 26 3.09 2.80 -8.14
N CYS A 27 1.78 2.66 -8.23
CA CYS A 27 1.02 1.91 -7.23
C CYS A 27 0.81 0.46 -7.67
N ALA A 28 0.22 -0.33 -6.79
CA ALA A 28 -0.04 -1.73 -7.06
C ALA A 28 -1.30 -2.22 -6.34
N LYS A 29 -1.67 -3.48 -6.57
CA LYS A 29 -2.87 -4.04 -5.95
C LYS A 29 -2.66 -5.49 -5.53
N PHE A 30 -3.14 -5.82 -4.33
CA PHE A 30 -3.00 -7.18 -3.80
C PHE A 30 -4.10 -7.48 -2.79
N ILE A 31 -4.12 -8.71 -2.30
CA ILE A 31 -5.11 -9.12 -1.31
C ILE A 31 -4.60 -8.85 0.09
N TYR A 32 -4.98 -7.70 0.65
CA TYR A 32 -4.54 -7.30 1.98
C TYR A 32 -5.49 -7.82 3.04
N GLY A 33 -4.96 -8.65 3.94
CA GLY A 33 -5.77 -9.21 5.01
C GLY A 33 -5.80 -8.33 6.25
N GLY A 34 -4.64 -7.78 6.62
CA GLY A 34 -4.58 -6.92 7.78
C GLY A 34 -3.25 -7.00 8.52
N CYS A 35 -2.40 -7.95 8.14
CA CYS A 35 -1.10 -8.10 8.78
C CYS A 35 0.04 -7.69 7.84
N GLY A 36 0.57 -6.49 8.07
CA GLY A 36 1.65 -5.99 7.25
C GLY A 36 1.38 -4.61 6.69
N GLY A 37 0.85 -3.72 7.53
CA GLY A 37 0.54 -2.38 7.10
C GLY A 37 1.20 -1.32 7.96
N ASN A 38 2.09 -0.54 7.35
CA ASN A 38 2.81 0.51 8.07
C ASN A 38 2.55 1.88 7.43
N GLY A 39 3.31 2.20 6.39
CA GLY A 39 3.15 3.47 5.72
C GLY A 39 3.13 3.35 4.20
N ASN A 40 3.27 2.13 3.69
CA ASN A 40 3.28 1.90 2.26
C ASN A 40 1.91 1.43 1.77
N LYS A 41 1.18 0.74 2.64
CA LYS A 41 -0.15 0.24 2.30
C LYS A 41 -1.15 1.38 2.20
N PHE A 42 -2.24 1.14 1.46
CA PHE A 42 -3.29 2.14 1.27
C PHE A 42 -4.60 1.48 0.88
N PRO A 43 -5.74 2.05 1.31
CA PRO A 43 -7.06 1.50 1.00
C PRO A 43 -7.48 1.74 -0.45
N THR A 44 -7.29 2.97 -0.93
CA THR A 44 -7.65 3.32 -2.30
C THR A 44 -6.47 3.93 -3.05
N GLN A 45 -6.59 3.97 -4.37
CA GLN A 45 -5.53 4.52 -5.21
C GLN A 45 -5.46 6.04 -5.06
N GLU A 46 -6.59 6.66 -4.77
CA GLU A 46 -6.65 8.10 -4.60
C GLU A 46 -5.66 8.57 -3.54
N ALA A 47 -5.57 7.82 -2.45
CA ALA A 47 -4.65 8.16 -1.37
C ALA A 47 -3.21 7.84 -1.76
N CYS A 48 -3.05 6.87 -2.65
CA CYS A 48 -1.73 6.47 -3.12
C CYS A 48 -0.96 7.65 -3.69
N MET A 49 -1.57 8.34 -4.65
CA MET A 49 -0.94 9.50 -5.28
C MET A 49 -1.17 10.76 -4.45
N LYS A 50 -2.29 10.81 -3.73
CA LYS A 50 -2.61 11.97 -2.90
C LYS A 50 -1.69 12.07 -1.68
N ARG A 51 -0.96 10.99 -1.40
CA ARG A 51 -0.05 10.98 -0.25
C ARG A 51 1.40 11.18 -0.68
N CYS A 52 1.79 10.58 -1.80
CA CYS A 52 3.16 10.70 -2.28
C CYS A 52 3.25 11.58 -3.53
N ALA A 53 2.20 11.56 -4.34
CA ALA A 53 2.17 12.35 -5.57
C ALA A 53 1.68 13.77 -5.30
N LYS A 54 0.89 13.93 -4.25
CA LYS A 54 0.36 15.24 -3.90
C LYS A 54 1.14 15.85 -2.73
N ALA A 55 1.12 15.16 -1.59
CA ALA A 55 1.83 15.63 -0.41
C ALA A 55 3.32 15.77 -0.67
N ILE A 1 9.52 9.81 -0.83
CA ILE A 1 10.32 8.66 -1.28
C ILE A 1 10.60 7.69 -0.13
N ASP A 2 10.53 8.20 1.10
CA ASP A 2 10.78 7.38 2.28
C ASP A 2 9.86 6.16 2.30
N THR A 3 8.62 6.37 2.71
CA THR A 3 7.63 5.29 2.78
C THR A 3 7.55 4.53 1.46
N CYS A 4 7.90 5.21 0.37
CA CYS A 4 7.86 4.60 -0.95
C CYS A 4 8.93 3.51 -1.12
N ARG A 5 9.84 3.44 -0.15
CA ARG A 5 10.92 2.44 -0.21
C ARG A 5 10.53 1.15 0.52
N LEU A 6 9.69 1.28 1.55
CA LEU A 6 9.27 0.11 2.31
C LEU A 6 7.95 -0.46 1.77
N PRO A 7 7.98 -1.69 1.24
CA PRO A 7 6.79 -2.34 0.69
C PRO A 7 5.82 -2.81 1.77
N SER A 8 4.55 -2.91 1.42
CA SER A 8 3.53 -3.35 2.37
C SER A 8 3.16 -4.82 2.15
N ASP A 9 3.03 -5.56 3.24
CA ASP A 9 2.67 -6.97 3.17
C ASP A 9 1.16 -7.14 3.21
N ARG A 10 0.68 -8.20 2.57
CA ARG A 10 -0.76 -8.47 2.52
C ARG A 10 -1.24 -9.27 3.73
N GLY A 11 -0.31 -9.91 4.42
CA GLY A 11 -0.67 -10.69 5.59
C GLY A 11 -1.70 -11.76 5.27
N ARG A 12 -1.25 -13.00 5.15
CA ARG A 12 -2.15 -14.11 4.85
C ARG A 12 -3.21 -14.28 5.94
N CYS A 13 -2.97 -13.67 7.11
CA CYS A 13 -3.90 -13.75 8.24
C CYS A 13 -5.36 -13.78 7.79
N LYS A 14 -5.96 -12.60 7.63
CA LYS A 14 -7.36 -12.51 7.22
C LYS A 14 -7.49 -11.96 5.80
N ALA A 15 -6.88 -12.64 4.85
CA ALA A 15 -6.93 -12.23 3.45
C ALA A 15 -8.37 -12.15 2.95
N SER A 16 -8.93 -10.95 2.93
CA SER A 16 -10.31 -10.76 2.48
C SER A 16 -10.59 -9.30 2.12
N PHE A 17 -9.55 -8.57 1.72
CA PHE A 17 -9.70 -7.17 1.35
C PHE A 17 -8.66 -6.76 0.31
N GLU A 18 -8.84 -5.58 -0.26
CA GLU A 18 -7.91 -5.06 -1.27
C GLU A 18 -7.36 -3.70 -0.86
N ARG A 19 -6.08 -3.47 -1.16
CA ARG A 19 -5.45 -2.21 -0.82
C ARG A 19 -4.45 -1.77 -1.89
N TRP A 20 -4.22 -0.46 -1.97
CA TRP A 20 -3.29 0.10 -2.95
C TRP A 20 -1.94 0.42 -2.29
N TYR A 21 -0.87 0.32 -3.07
CA TYR A 21 0.47 0.60 -2.55
C TYR A 21 1.34 1.22 -3.64
N PHE A 22 2.25 2.09 -3.23
CA PHE A 22 3.15 2.76 -4.18
C PHE A 22 4.53 2.12 -4.15
N ASN A 23 4.92 1.53 -5.27
CA ASN A 23 6.23 0.88 -5.38
C ASN A 23 7.21 1.78 -6.12
N GLY A 24 7.96 2.58 -5.36
CA GLY A 24 8.93 3.48 -5.96
C GLY A 24 8.30 4.75 -6.49
N ARG A 25 7.22 4.60 -7.24
CA ARG A 25 6.51 5.74 -7.82
C ARG A 25 5.18 5.30 -8.43
N THR A 26 5.14 4.09 -8.95
CA THR A 26 3.92 3.56 -9.57
C THR A 26 3.00 2.96 -8.51
N CYS A 27 1.72 2.80 -8.87
CA CYS A 27 0.75 2.23 -7.95
C CYS A 27 0.49 0.76 -8.26
N ALA A 28 0.05 0.02 -7.26
CA ALA A 28 -0.23 -1.41 -7.42
C ALA A 28 -1.45 -1.82 -6.59
N LYS A 29 -1.85 -3.08 -6.70
CA LYS A 29 -3.01 -3.57 -5.97
C LYS A 29 -2.88 -5.05 -5.62
N PHE A 30 -3.40 -5.43 -4.46
CA PHE A 30 -3.34 -6.81 -4.00
C PHE A 30 -4.39 -7.07 -2.93
N ILE A 31 -4.49 -8.32 -2.49
CA ILE A 31 -5.47 -8.68 -1.47
C ILE A 31 -4.85 -8.53 -0.08
N TYR A 32 -5.26 -7.48 0.62
CA TYR A 32 -4.74 -7.20 1.96
C TYR A 32 -5.59 -7.90 3.03
N GLY A 33 -4.94 -8.75 3.81
CA GLY A 33 -5.63 -9.47 4.86
C GLY A 33 -5.69 -8.69 6.15
N GLY A 34 -4.59 -8.02 6.49
CA GLY A 34 -4.54 -7.23 7.72
C GLY A 34 -3.15 -7.15 8.31
N CYS A 35 -2.25 -8.03 7.90
CA CYS A 35 -0.89 -8.04 8.41
C CYS A 35 0.10 -7.59 7.34
N GLY A 36 0.72 -6.43 7.57
CA GLY A 36 1.68 -5.91 6.61
C GLY A 36 1.27 -4.55 6.06
N GLY A 37 0.69 -3.71 6.91
CA GLY A 37 0.26 -2.39 6.48
C GLY A 37 0.77 -1.29 7.39
N ASN A 38 1.74 -0.53 6.90
CA ASN A 38 2.32 0.57 7.67
C ASN A 38 1.95 1.91 7.03
N GLY A 39 2.72 2.33 6.04
CA GLY A 39 2.46 3.60 5.38
C GLY A 39 2.58 3.51 3.86
N ASN A 40 2.91 2.33 3.35
CA ASN A 40 3.06 2.13 1.92
C ASN A 40 1.73 1.72 1.27
N LYS A 41 0.85 1.12 2.06
CA LYS A 41 -0.45 0.68 1.56
C LYS A 41 -1.54 1.69 1.90
N PHE A 42 -2.65 1.60 1.18
CA PHE A 42 -3.78 2.50 1.39
C PHE A 42 -5.08 1.85 0.91
N PRO A 43 -6.23 2.28 1.47
CA PRO A 43 -7.54 1.74 1.10
C PRO A 43 -8.01 2.21 -0.27
N THR A 44 -7.49 3.36 -0.72
CA THR A 44 -7.86 3.91 -2.02
C THR A 44 -6.64 4.31 -2.82
N GLN A 45 -6.72 4.14 -4.13
CA GLN A 45 -5.63 4.50 -5.03
C GLN A 45 -5.37 6.01 -5.01
N GLU A 46 -6.41 6.77 -4.68
CA GLU A 46 -6.31 8.22 -4.62
C GLU A 46 -5.19 8.65 -3.69
N ALA A 47 -5.00 7.89 -2.61
CA ALA A 47 -3.97 8.18 -1.62
C ALA A 47 -2.61 7.68 -2.12
N CYS A 48 -2.63 6.61 -2.91
CA CYS A 48 -1.41 6.04 -3.46
C CYS A 48 -0.60 7.09 -4.21
N MET A 49 -1.29 7.85 -5.06
CA MET A 49 -0.64 8.89 -5.85
C MET A 49 -0.50 10.19 -5.05
N LYS A 50 -1.51 10.47 -4.22
CA LYS A 50 -1.50 11.68 -3.41
C LYS A 50 -0.35 11.67 -2.39
N ARG A 51 0.27 10.52 -2.19
CA ARG A 51 1.36 10.41 -1.23
C ARG A 51 2.73 10.41 -1.91
N CYS A 52 2.88 9.60 -2.96
CA CYS A 52 4.16 9.52 -3.67
C CYS A 52 4.10 10.15 -5.04
N ALA A 53 2.91 10.23 -5.62
CA ALA A 53 2.75 10.82 -6.95
C ALA A 53 2.55 12.33 -6.88
N LYS A 54 2.13 12.82 -5.72
CA LYS A 54 1.91 14.25 -5.53
C LYS A 54 3.02 14.86 -4.68
N ALA A 55 3.42 14.16 -3.63
CA ALA A 55 4.47 14.64 -2.74
C ALA A 55 5.78 14.85 -3.51
N ILE A 1 12.21 10.35 2.17
CA ILE A 1 11.06 9.50 2.58
C ILE A 1 11.38 8.02 2.37
N ASP A 2 11.22 7.22 3.42
CA ASP A 2 11.49 5.79 3.34
C ASP A 2 10.22 4.99 3.11
N THR A 3 9.10 5.49 3.63
CA THR A 3 7.81 4.82 3.49
C THR A 3 7.54 4.43 2.03
N CYS A 4 7.79 5.37 1.12
CA CYS A 4 7.57 5.12 -0.31
C CYS A 4 8.62 4.17 -0.87
N ARG A 5 9.63 3.83 -0.07
CA ARG A 5 10.70 2.94 -0.52
C ARG A 5 10.50 1.53 0.04
N LEU A 6 9.76 1.42 1.15
CA LEU A 6 9.52 0.13 1.77
C LEU A 6 8.24 -0.51 1.21
N PRO A 7 8.32 -1.79 0.78
CA PRO A 7 7.18 -2.50 0.21
C PRO A 7 6.16 -2.89 1.29
N SER A 8 4.88 -2.65 0.99
CA SER A 8 3.82 -2.97 1.94
C SER A 8 3.32 -4.40 1.75
N ASP A 9 3.26 -5.15 2.83
CA ASP A 9 2.80 -6.53 2.78
C ASP A 9 1.29 -6.60 3.01
N ARG A 10 0.62 -7.46 2.26
CA ARG A 10 -0.83 -7.60 2.38
C ARG A 10 -1.20 -8.66 3.41
N GLY A 11 -0.21 -9.42 3.89
CA GLY A 11 -0.46 -10.44 4.87
C GLY A 11 -1.48 -11.47 4.42
N ARG A 12 -1.41 -12.66 5.02
CA ARG A 12 -2.33 -13.75 4.68
C ARG A 12 -3.30 -14.00 5.83
N CYS A 13 -3.05 -13.37 6.98
CA CYS A 13 -3.89 -13.54 8.17
C CYS A 13 -5.38 -13.50 7.81
N LYS A 14 -5.94 -12.31 7.67
CA LYS A 14 -7.34 -12.15 7.32
C LYS A 14 -7.51 -11.63 5.90
N ALA A 15 -6.83 -12.26 4.96
CA ALA A 15 -6.90 -11.87 3.56
C ALA A 15 -8.34 -11.89 3.05
N SER A 16 -8.98 -10.73 3.01
CA SER A 16 -10.35 -10.62 2.56
C SER A 16 -10.67 -9.20 2.11
N PHE A 17 -9.65 -8.48 1.65
CA PHE A 17 -9.83 -7.10 1.20
C PHE A 17 -8.74 -6.73 0.20
N GLU A 18 -8.99 -5.67 -0.57
CA GLU A 18 -8.03 -5.20 -1.56
C GLU A 18 -7.52 -3.80 -1.21
N ARG A 19 -6.22 -3.60 -1.33
CA ARG A 19 -5.62 -2.31 -1.02
C ARG A 19 -4.59 -1.90 -2.07
N TRP A 20 -4.16 -0.64 -2.01
CA TRP A 20 -3.18 -0.11 -2.95
C TRP A 20 -1.85 0.16 -2.25
N TYR A 21 -0.76 -0.01 -2.98
CA TYR A 21 0.58 0.21 -2.44
C TYR A 21 1.48 0.81 -3.50
N PHE A 22 2.05 1.98 -3.21
CA PHE A 22 2.94 2.65 -4.14
C PHE A 22 4.34 2.04 -4.12
N ASN A 23 4.72 1.42 -5.24
CA ASN A 23 6.02 0.80 -5.36
C ASN A 23 7.05 1.78 -5.93
N GLY A 24 7.52 2.69 -5.09
CA GLY A 24 8.49 3.67 -5.53
C GLY A 24 7.86 4.80 -6.33
N ARG A 25 7.30 4.45 -7.48
CA ARG A 25 6.67 5.44 -8.35
C ARG A 25 5.33 4.94 -8.89
N THR A 26 5.24 3.64 -9.16
CA THR A 26 4.01 3.06 -9.69
C THR A 26 3.19 2.41 -8.56
N CYS A 27 1.87 2.42 -8.73
CA CYS A 27 0.98 1.83 -7.74
C CYS A 27 0.73 0.36 -8.06
N ALA A 28 0.10 -0.34 -7.11
CA ALA A 28 -0.20 -1.76 -7.28
C ALA A 28 -1.45 -2.16 -6.51
N LYS A 29 -1.86 -3.42 -6.64
CA LYS A 29 -3.06 -3.91 -5.96
C LYS A 29 -2.91 -5.37 -5.56
N PHE A 30 -3.43 -5.71 -4.38
CA PHE A 30 -3.34 -7.07 -3.86
C PHE A 30 -4.37 -7.30 -2.76
N ILE A 31 -4.45 -8.54 -2.26
CA ILE A 31 -5.41 -8.87 -1.22
C ILE A 31 -4.83 -8.64 0.17
N TYR A 32 -5.25 -7.53 0.79
CA TYR A 32 -4.78 -7.17 2.12
C TYR A 32 -5.68 -7.76 3.20
N GLY A 33 -5.07 -8.42 4.17
CA GLY A 33 -5.82 -9.03 5.25
C GLY A 33 -5.66 -8.30 6.56
N GLY A 34 -4.47 -7.73 6.78
CA GLY A 34 -4.22 -7.01 8.01
C GLY A 34 -2.78 -7.06 8.46
N CYS A 35 -2.00 -7.97 7.87
CA CYS A 35 -0.59 -8.11 8.23
C CYS A 35 0.32 -7.57 7.13
N GLY A 36 1.04 -6.49 7.44
CA GLY A 36 1.94 -5.90 6.47
C GLY A 36 1.51 -4.50 6.05
N GLY A 37 0.69 -3.85 6.87
CA GLY A 37 0.23 -2.51 6.56
C GLY A 37 0.86 -1.46 7.45
N ASN A 38 1.81 -0.71 6.90
CA ASN A 38 2.49 0.34 7.65
C ASN A 38 2.17 1.72 7.10
N GLY A 39 2.90 2.13 6.06
CA GLY A 39 2.67 3.43 5.47
C GLY A 39 2.75 3.42 3.95
N ASN A 40 3.00 2.25 3.36
CA ASN A 40 3.09 2.12 1.91
C ASN A 40 1.76 1.72 1.31
N LYS A 41 0.90 1.08 2.11
CA LYS A 41 -0.41 0.63 1.64
C LYS A 41 -1.44 1.74 1.79
N PHE A 42 -2.58 1.57 1.13
CA PHE A 42 -3.66 2.54 1.19
C PHE A 42 -4.96 1.96 0.66
N PRO A 43 -6.10 2.26 1.31
CA PRO A 43 -7.42 1.74 0.91
C PRO A 43 -7.79 2.13 -0.52
N THR A 44 -7.59 3.41 -0.86
CA THR A 44 -7.92 3.91 -2.19
C THR A 44 -6.68 4.31 -2.98
N GLN A 45 -6.74 4.13 -4.29
CA GLN A 45 -5.63 4.48 -5.16
C GLN A 45 -5.35 5.98 -5.11
N GLU A 46 -6.38 6.76 -4.81
CA GLU A 46 -6.25 8.21 -4.74
C GLU A 46 -5.15 8.60 -3.75
N ALA A 47 -5.12 7.91 -2.62
CA ALA A 47 -4.12 8.18 -1.59
C ALA A 47 -2.74 7.68 -2.03
N CYS A 48 -2.73 6.67 -2.90
CA CYS A 48 -1.50 6.09 -3.40
C CYS A 48 -0.77 7.07 -4.34
N MET A 49 -1.53 7.92 -5.02
CA MET A 49 -0.94 8.89 -5.94
C MET A 49 -0.58 10.20 -5.25
N LYS A 50 -1.53 10.73 -4.47
CA LYS A 50 -1.31 12.00 -3.77
C LYS A 50 -0.25 11.85 -2.66
N ARG A 51 0.16 10.62 -2.38
CA ARG A 51 1.15 10.39 -1.33
C ARG A 51 2.54 10.11 -1.92
N CYS A 52 2.60 9.24 -2.91
CA CYS A 52 3.87 8.88 -3.54
C CYS A 52 4.06 9.60 -4.88
N ALA A 53 2.96 9.90 -5.55
CA ALA A 53 3.02 10.58 -6.84
C ALA A 53 3.08 12.08 -6.68
N LYS A 54 2.54 12.58 -5.56
CA LYS A 54 2.54 14.01 -5.29
C LYS A 54 3.72 14.39 -4.39
N ALA A 55 3.78 13.76 -3.22
CA ALA A 55 4.85 14.05 -2.27
C ALA A 55 6.04 13.14 -2.51
#